data_4W7S
#
_entry.id   4W7S
#
_cell.length_a   114.719
_cell.length_b   114.719
_cell.length_c   156.186
_cell.angle_alpha   90.00
_cell.angle_beta   90.00
_cell.angle_gamma   120.00
#
_symmetry.space_group_name_H-M   'P 32 2 1'
#
loop_
_entity.id
_entity.type
_entity.pdbx_description
1 polymer 'Pre-mRNA-splicing ATP-dependent RNA helicase PRP28'
2 non-polymer 'HEXAETHYLENE GLYCOL'
3 non-polymer GLYCEROL
4 non-polymer 'PHOSPHOAMINOPHOSPHONIC ACID-ADENYLATE ESTER'
5 non-polymer 'MAGNESIUM ION'
6 water water
#
_entity_poly.entity_id   1
_entity_poly.type   'polypeptide(L)'
_entity_poly.pdbx_seq_one_letter_code
;SNAAESSY(MSE)GKHWTEKSLHE(MSE)NERDWRILKEDYAIVTKGGTVENPLRNWEELNIIPRDLLRVIIQELRFPSP
TPIQRITIPNVCN(MSE)KQYRDFLGVASTGSGKTLAFVIPILIK(MSE)SRSPPRPPSLKIIDGPKALILAPTRELVQQ
IQKETQKVTKIWSKESNYDCKVISIVGGHSLEEISFSLSEGCDILVATPGRLIDSLENHLLV(MSE)KQVETLVLDEADK
(MSE)IDLGFEDQVTNILTKVDINADSAVNRQTL(MSE)FTAT(MSE)TPVIEKIAAGY(MSE)QKPVYATIGVETGSEP
LIQQVVEYADNDEDKFKKLKPIVAKYDPPIIIFINYKQTADWLAEKFQKETN(MSE)KVTILHGSKSQEQREHSLQLFRT
NKVQI(MSE)IATNVAARGLDIPNVSLVVNFQISKK(MSE)DDYIHRIGRTGRAANEGTAVSFVSAAEDESLIRELYKYV
RKHDPLNSNIFSEAVKNKYNVGKQLSNEIIY
;
_entity_poly.pdbx_strand_id   A,B
#
# COMPACT_ATOMS: atom_id res chain seq x y z
N GLY A 10 19.00 31.19 44.08
CA GLY A 10 19.40 30.79 42.73
C GLY A 10 18.95 31.79 41.68
N LYS A 11 19.81 32.05 40.69
CA LYS A 11 19.51 32.98 39.59
C LYS A 11 18.80 32.25 38.45
N HIS A 12 17.89 32.94 37.75
CA HIS A 12 17.11 32.31 36.67
C HIS A 12 17.95 32.03 35.42
N TRP A 13 17.67 30.91 34.76
CA TRP A 13 18.51 30.48 33.65
C TRP A 13 18.70 31.52 32.56
N THR A 14 17.71 32.35 32.31
CA THR A 14 17.85 33.36 31.27
C THR A 14 18.91 34.41 31.64
N GLU A 15 19.22 34.52 32.93
CA GLU A 15 20.21 35.49 33.40
C GLU A 15 21.64 34.95 33.47
N LYS A 16 21.81 33.67 33.13
CA LYS A 16 23.08 33.00 33.29
C LYS A 16 23.83 32.80 31.98
N SER A 17 25.14 32.69 32.06
CA SER A 17 25.96 32.16 30.97
C SER A 17 25.71 30.69 30.80
N LEU A 18 25.94 30.19 29.59
CA LEU A 18 25.84 28.76 29.32
C LEU A 18 26.69 27.92 30.30
N HIS A 19 27.90 28.39 30.64
CA HIS A 19 28.82 27.62 31.47
C HIS A 19 28.37 27.56 32.94
N GLU A 20 27.41 28.41 33.30
CA GLU A 20 26.89 28.45 34.67
C GLU A 20 25.61 27.62 34.88
N ASN A 22 23.24 24.70 35.80
CA ASN A 22 23.25 23.47 36.57
C ASN A 22 22.09 22.56 36.13
N GLU A 23 21.99 21.37 36.70
CA GLU A 23 21.02 20.37 36.23
C GLU A 23 19.57 20.81 36.43
N ARG A 24 19.33 21.51 37.53
CA ARG A 24 18.02 22.06 37.81
C ARG A 24 17.66 23.08 36.74
N ASP A 25 18.61 23.93 36.35
CA ASP A 25 18.34 24.89 35.28
C ASP A 25 17.91 24.21 33.97
N TRP A 26 18.60 23.14 33.61
CA TRP A 26 18.23 22.42 32.42
C TRP A 26 16.85 21.81 32.56
N ARG A 27 16.52 21.31 33.75
CA ARG A 27 15.19 20.72 33.93
CA ARG A 27 15.20 20.74 33.97
C ARG A 27 14.14 21.81 33.74
N ILE A 28 14.40 22.98 34.29
CA ILE A 28 13.47 24.09 34.18
C ILE A 28 13.32 24.55 32.72
N LEU A 29 14.44 24.71 32.01
CA LEU A 29 14.42 25.06 30.59
C LEU A 29 13.60 24.05 29.79
N LYS A 30 13.92 22.77 29.94
CA LYS A 30 13.14 21.74 29.28
C LYS A 30 11.64 21.81 29.61
N GLU A 31 11.28 22.07 30.87
CA GLU A 31 9.85 22.23 31.18
C GLU A 31 9.25 23.46 30.50
N ASP A 32 10.03 24.53 30.39
CA ASP A 32 9.61 25.75 29.71
C ASP A 32 9.26 25.52 28.25
N TYR A 33 9.94 24.61 27.57
CA TYR A 33 9.65 24.38 26.16
C TYR A 33 8.97 23.04 25.93
N ALA A 34 8.51 22.43 27.02
CA ALA A 34 7.85 21.12 26.99
C ALA A 34 8.68 20.08 26.22
N ILE A 35 9.94 19.97 26.60
CA ILE A 35 10.85 18.99 26.00
C ILE A 35 11.09 17.88 26.97
N VAL A 36 10.79 16.65 26.56
CA VAL A 36 11.10 15.48 27.36
C VAL A 36 11.96 14.55 26.54
N THR A 37 13.02 14.03 27.13
CA THR A 37 13.93 13.20 26.37
C THR A 37 14.28 11.91 27.09
N LYS A 38 14.70 10.91 26.32
CA LYS A 38 15.32 9.71 26.88
C LYS A 38 16.27 9.09 25.87
N GLY A 39 16.92 8.00 26.26
CA GLY A 39 17.82 7.32 25.36
C GLY A 39 19.27 7.41 25.82
N GLY A 40 19.54 8.20 26.84
CA GLY A 40 20.86 8.23 27.44
C GLY A 40 21.87 9.09 26.71
N THR A 41 22.65 9.83 27.49
CA THR A 41 23.69 10.68 26.93
C THR A 41 23.05 11.71 25.97
N VAL A 42 21.94 12.26 26.40
CA VAL A 42 21.27 13.29 25.62
C VAL A 42 21.93 14.67 25.84
N GLU A 43 22.21 15.38 24.75
CA GLU A 43 22.75 16.72 24.85
C GLU A 43 21.68 17.69 25.33
N ASN A 44 22.09 18.72 26.06
CA ASN A 44 21.19 19.79 26.46
C ASN A 44 20.70 20.58 25.25
N PRO A 45 19.44 21.01 25.28
CA PRO A 45 18.91 21.79 24.15
C PRO A 45 19.55 23.17 24.04
N LEU A 46 19.47 23.78 22.86
CA LEU A 46 19.90 25.15 22.65
C LEU A 46 19.13 26.13 23.54
N ARG A 47 19.83 27.10 24.14
CA ARG A 47 19.16 28.20 24.85
C ARG A 47 18.89 29.36 23.89
N ASN A 48 19.65 29.39 22.80
CA ASN A 48 19.46 30.34 21.71
C ASN A 48 20.25 29.83 20.50
N TRP A 49 20.20 30.53 19.37
CA TRP A 49 20.93 30.10 18.17
C TRP A 49 22.45 30.27 18.29
N GLU A 50 22.88 31.34 18.95
CA GLU A 50 24.24 31.84 18.84
C GLU A 50 25.28 31.17 19.74
N GLU A 51 24.93 30.93 21.00
CA GLU A 51 25.90 30.53 22.03
C GLU A 51 26.89 29.44 21.64
N LEU A 52 26.38 28.32 21.18
CA LEU A 52 27.18 27.09 21.11
C LEU A 52 28.09 27.04 19.90
N ASN A 53 27.88 27.95 18.96
CA ASN A 53 28.66 27.94 17.74
C ASN A 53 28.55 26.68 16.90
N ILE A 54 27.44 25.94 17.04
CA ILE A 54 27.18 24.79 16.19
C ILE A 54 26.81 25.27 14.78
N ILE A 55 26.14 26.41 14.71
CA ILE A 55 25.66 26.89 13.43
C ILE A 55 26.57 28.01 12.99
N PRO A 56 27.23 27.83 11.83
CA PRO A 56 28.18 28.83 11.33
C PRO A 56 27.51 30.16 11.03
N ARG A 57 28.29 31.24 11.09
CA ARG A 57 27.78 32.60 11.01
C ARG A 57 26.91 32.90 9.80
N ASP A 58 27.34 32.47 8.61
CA ASP A 58 26.61 32.80 7.39
C ASP A 58 25.23 32.14 7.39
N LEU A 59 25.22 30.86 7.74
CA LEU A 59 24.00 30.10 7.89
C LEU A 59 23.08 30.73 8.95
N LEU A 60 23.65 31.15 10.07
CA LEU A 60 22.88 31.78 11.14
C LEU A 60 22.27 33.12 10.70
N ARG A 61 23.05 33.86 9.92
CA ARG A 61 22.58 35.10 9.35
C ARG A 61 21.39 34.83 8.46
N VAL A 62 21.49 33.81 7.63
CA VAL A 62 20.35 33.46 6.78
C VAL A 62 19.13 33.13 7.62
N ILE A 63 19.31 32.28 8.63
CA ILE A 63 18.17 31.89 9.47
C ILE A 63 17.50 33.07 10.16
N ILE A 64 18.30 33.95 10.77
CA ILE A 64 17.72 35.07 11.49
C ILE A 64 17.22 36.15 10.54
N GLN A 65 18.14 36.81 9.83
CA GLN A 65 17.77 37.90 8.92
C GLN A 65 16.89 37.49 7.73
N GLU A 66 17.15 36.34 7.13
CA GLU A 66 16.45 35.97 5.90
C GLU A 66 15.20 35.11 6.10
N LEU A 67 15.30 34.00 6.82
CA LEU A 67 14.13 33.18 7.12
C LEU A 67 13.27 33.77 8.26
N ARG A 68 13.76 34.85 8.86
CA ARG A 68 13.07 35.53 9.96
C ARG A 68 12.79 34.67 11.18
N PHE A 69 13.80 33.96 11.69
CA PHE A 69 13.63 33.17 12.92
C PHE A 69 14.69 33.53 13.93
N PRO A 70 14.43 34.57 14.73
CA PRO A 70 15.41 35.05 15.71
C PRO A 70 15.64 34.04 16.83
N SER A 71 14.63 33.24 17.16
CA SER A 71 14.78 32.15 18.14
C SER A 71 14.43 30.80 17.56
N PRO A 72 15.09 29.74 18.02
CA PRO A 72 14.75 28.38 17.61
C PRO A 72 13.45 27.91 18.24
N THR A 73 12.77 26.96 17.62
CA THR A 73 11.56 26.37 18.18
C THR A 73 11.98 25.22 19.09
N PRO A 74 11.07 24.72 19.95
CA PRO A 74 11.43 23.62 20.87
C PRO A 74 12.05 22.39 20.20
N ILE A 75 11.44 21.93 19.10
CA ILE A 75 11.99 20.78 18.38
C ILE A 75 13.38 21.09 17.79
N GLN A 76 13.58 22.30 17.27
CA GLN A 76 14.91 22.70 16.81
C GLN A 76 15.93 22.74 17.97
N ARG A 77 15.48 23.29 19.10
CA ARG A 77 16.29 23.36 20.33
C ARG A 77 16.82 22.02 20.73
N ILE A 78 15.96 20.99 20.75
CA ILE A 78 16.44 19.68 21.18
C ILE A 78 17.12 18.86 20.05
N THR A 79 16.67 19.02 18.81
CA THR A 79 17.17 18.18 17.73
C THR A 79 18.59 18.57 17.35
N ILE A 80 18.79 19.88 17.12
CA ILE A 80 20.07 20.29 16.56
C ILE A 80 21.32 19.84 17.36
N PRO A 81 21.38 20.11 18.68
CA PRO A 81 22.60 19.64 19.36
C PRO A 81 22.69 18.11 19.52
N ASN A 82 21.62 17.38 19.25
CA ASN A 82 21.74 15.94 19.39
C ASN A 82 22.10 15.21 18.10
N VAL A 83 21.95 15.89 16.96
CA VAL A 83 22.38 15.31 15.70
C VAL A 83 23.57 16.00 15.06
N CYS A 84 23.92 17.19 15.53
CA CYS A 84 25.19 17.83 15.19
C CYS A 84 26.13 17.70 16.37
N ASN A 85 26.65 16.51 16.57
CA ASN A 85 27.40 16.26 17.76
C ASN A 85 28.58 15.37 17.48
N LYS A 87 31.57 14.05 18.69
CA LYS A 87 31.96 12.83 17.93
C LYS A 87 30.92 11.96 17.21
N GLN A 88 29.78 11.67 17.85
CA GLN A 88 28.84 10.67 17.33
C GLN A 88 27.70 11.26 16.50
N TYR A 89 27.63 10.92 15.21
CA TYR A 89 26.46 11.32 14.41
C TYR A 89 25.26 10.44 14.81
N ARG A 90 24.61 10.82 15.91
CA ARG A 90 23.60 9.98 16.53
C ARG A 90 22.28 9.97 15.78
N ASP A 91 21.53 8.87 15.89
CA ASP A 91 20.18 8.79 15.34
C ASP A 91 19.20 9.51 16.27
N PHE A 92 18.06 9.91 15.73
CA PHE A 92 17.14 10.74 16.48
C PHE A 92 15.69 10.45 16.12
N LEU A 93 14.85 10.32 17.14
CA LEU A 93 13.42 10.15 16.95
C LEU A 93 12.68 11.27 17.72
N GLY A 94 12.06 12.18 16.99
CA GLY A 94 11.33 13.27 17.61
C GLY A 94 9.82 13.14 17.47
N VAL A 95 9.12 13.32 18.58
CA VAL A 95 7.66 13.31 18.60
C VAL A 95 7.17 14.75 18.76
N ALA A 96 6.52 15.25 17.72
CA ALA A 96 6.21 16.67 17.56
C ALA A 96 5.22 16.90 16.42
N SER A 97 4.41 17.94 16.57
CA SER A 97 3.42 18.30 15.55
C SER A 97 4.00 19.17 14.44
N THR A 98 3.36 19.11 13.27
CA THR A 98 3.43 20.21 12.32
C THR A 98 2.47 21.29 12.82
N GLY A 99 2.85 22.56 12.79
CA GLY A 99 4.16 23.01 12.34
C GLY A 99 4.94 23.58 13.52
N SER A 100 5.78 22.73 14.09
CA SER A 100 6.57 23.12 15.24
C SER A 100 7.96 23.54 14.77
N GLY A 101 8.15 23.60 13.47
CA GLY A 101 9.44 23.99 12.91
C GLY A 101 10.36 22.81 12.65
N LYS A 102 9.79 21.62 12.42
CA LYS A 102 10.61 20.43 12.15
C LYS A 102 11.61 20.57 11.02
N THR A 103 11.15 21.16 9.92
CA THR A 103 11.90 21.18 8.67
C THR A 103 13.31 21.67 8.91
N LEU A 104 13.46 22.85 9.54
CA LEU A 104 14.79 23.39 9.80
C LEU A 104 15.53 22.55 10.82
N ALA A 105 14.77 21.96 11.74
CA ALA A 105 15.34 21.04 12.71
C ALA A 105 16.14 19.91 12.06
N PHE A 106 15.68 19.39 10.92
CA PHE A 106 16.56 18.46 10.19
C PHE A 106 17.40 19.01 9.01
N VAL A 107 16.95 20.09 8.40
CA VAL A 107 17.69 20.68 7.28
C VAL A 107 19.00 21.35 7.73
N ILE A 108 18.93 22.12 8.84
CA ILE A 108 20.13 22.73 9.39
C ILE A 108 21.25 21.70 9.60
N PRO A 109 20.98 20.60 10.31
CA PRO A 109 22.02 19.55 10.40
C PRO A 109 22.51 19.01 9.06
N ILE A 110 21.64 18.81 8.07
CA ILE A 110 22.09 18.31 6.78
C ILE A 110 23.09 19.28 6.11
N LEU A 111 22.72 20.55 6.05
CA LEU A 111 23.59 21.56 5.48
C LEU A 111 24.94 21.67 6.19
N ILE A 112 24.91 21.76 7.52
CA ILE A 112 26.13 21.84 8.32
C ILE A 112 27.06 20.67 7.98
N LYS A 113 26.48 19.47 7.92
CA LYS A 113 27.22 18.26 7.58
C LYS A 113 27.78 18.34 6.17
N SER A 115 28.60 21.06 4.53
CA SER A 115 29.59 22.11 4.43
C SER A 115 30.94 21.62 4.90
N ARG A 116 30.98 20.50 5.62
CA ARG A 116 32.24 19.91 6.07
C ARG A 116 33.08 19.21 4.97
N SER A 117 32.52 19.03 3.78
CA SER A 117 33.28 18.40 2.70
C SER A 117 33.22 19.33 1.52
N PRO A 118 34.13 19.17 0.56
CA PRO A 118 34.09 20.07 -0.60
C PRO A 118 32.88 19.77 -1.44
N PRO A 119 32.42 20.74 -2.23
CA PRO A 119 31.27 20.48 -3.10
C PRO A 119 31.63 19.42 -4.13
N ARG A 120 30.68 18.57 -4.49
CA ARG A 120 30.91 17.58 -5.51
C ARG A 120 30.52 18.16 -6.87
N PRO A 121 31.32 17.86 -7.89
CA PRO A 121 30.95 18.17 -9.29
C PRO A 121 29.74 17.34 -9.66
N PRO A 122 28.85 17.87 -10.53
CA PRO A 122 27.65 17.17 -10.97
C PRO A 122 27.88 15.71 -11.39
N SER A 123 28.96 15.47 -12.14
CA SER A 123 29.26 14.13 -12.63
C SER A 123 29.42 13.16 -11.46
N LEU A 124 30.05 13.64 -10.39
CA LEU A 124 30.23 12.81 -9.22
C LEU A 124 28.93 12.62 -8.41
N LYS A 125 28.10 13.66 -8.33
CA LYS A 125 26.80 13.54 -7.67
C LYS A 125 25.98 12.46 -8.36
N ILE A 126 25.99 12.49 -9.68
CA ILE A 126 25.30 11.48 -10.47
C ILE A 126 25.87 10.08 -10.21
N ILE A 127 27.19 9.94 -10.30
CA ILE A 127 27.82 8.66 -9.98
C ILE A 127 27.43 8.11 -8.60
N ASP A 128 27.34 8.97 -7.61
CA ASP A 128 27.15 8.51 -6.24
C ASP A 128 25.78 8.74 -5.59
N GLY A 129 24.93 9.57 -6.20
CA GLY A 129 23.63 9.85 -5.61
C GLY A 129 23.65 10.89 -4.51
N PRO A 130 22.50 11.16 -3.90
CA PRO A 130 22.40 12.19 -2.86
C PRO A 130 23.18 11.92 -1.57
N LYS A 131 23.58 12.97 -0.87
CA LYS A 131 24.16 12.79 0.46
C LYS A 131 23.06 12.69 1.54
N ALA A 132 21.90 13.26 1.23
CA ALA A 132 20.76 13.24 2.16
C ALA A 132 19.48 12.84 1.42
N LEU A 133 18.63 12.06 2.10
CA LEU A 133 17.37 11.61 1.54
C LEU A 133 16.28 11.90 2.55
N ILE A 134 15.24 12.61 2.13
CA ILE A 134 14.15 12.98 3.02
C ILE A 134 12.86 12.43 2.46
N LEU A 135 12.14 11.64 3.28
CA LEU A 135 10.91 11.00 2.86
C LEU A 135 9.74 11.67 3.55
N ALA A 136 8.68 11.92 2.79
CA ALA A 136 7.47 12.51 3.34
C ALA A 136 6.28 11.94 2.59
N PRO A 137 5.11 11.89 3.24
CA PRO A 137 3.90 11.23 2.72
C PRO A 137 3.20 11.90 1.55
N THR A 138 3.29 13.21 1.43
CA THR A 138 2.47 13.94 0.47
C THR A 138 3.30 14.85 -0.42
N ARG A 139 2.73 15.23 -1.57
CA ARG A 139 3.38 16.20 -2.42
C ARG A 139 3.53 17.54 -1.70
N GLU A 140 2.52 17.92 -0.94
CA GLU A 140 2.51 19.23 -0.30
C GLU A 140 3.69 19.40 0.67
N LEU A 141 3.92 18.36 1.48
CA LEU A 141 5.03 18.41 2.41
C LEU A 141 6.39 18.38 1.69
N VAL A 142 6.56 17.49 0.71
CA VAL A 142 7.80 17.38 -0.06
C VAL A 142 8.16 18.72 -0.70
N GLN A 143 7.16 19.38 -1.25
CA GLN A 143 7.39 20.65 -1.90
C GLN A 143 7.69 21.76 -0.92
N GLN A 144 7.02 21.73 0.23
CA GLN A 144 7.35 22.65 1.31
C GLN A 144 8.81 22.53 1.72
N ILE A 145 9.23 21.28 1.95
CA ILE A 145 10.57 20.99 2.44
C ILE A 145 11.61 21.46 1.42
N GLN A 146 11.35 21.16 0.14
CA GLN A 146 12.26 21.63 -0.90
C GLN A 146 12.34 23.17 -0.93
N LYS A 147 11.19 23.84 -0.84
CA LYS A 147 11.17 25.30 -0.85
C LYS A 147 11.99 25.93 0.32
N GLU A 148 11.69 25.47 1.54
CA GLU A 148 12.42 25.93 2.72
C GLU A 148 13.93 25.70 2.57
N THR A 149 14.33 24.52 2.12
CA THR A 149 15.76 24.27 1.96
C THR A 149 16.40 25.18 0.92
N GLN A 150 15.67 25.41 -0.15
CA GLN A 150 16.22 26.17 -1.27
C GLN A 150 16.40 27.64 -0.93
N LYS A 151 15.53 28.19 -0.07
CA LYS A 151 15.79 29.53 0.45
C LYS A 151 17.25 29.72 0.93
N VAL A 152 17.77 28.71 1.62
CA VAL A 152 19.16 28.72 2.06
C VAL A 152 20.16 28.34 0.96
N THR A 153 19.91 27.25 0.24
CA THR A 153 20.93 26.78 -0.69
C THR A 153 21.14 27.71 -1.90
N LYS A 154 20.12 28.52 -2.21
CA LYS A 154 20.23 29.51 -3.27
C LYS A 154 21.32 30.50 -2.90
N ILE A 155 21.20 31.01 -1.68
CA ILE A 155 22.11 31.99 -1.14
C ILE A 155 23.50 31.37 -1.07
N TRP A 156 23.56 30.19 -0.49
CA TRP A 156 24.83 29.49 -0.34
C TRP A 156 25.52 29.35 -1.71
N SER A 157 24.71 29.16 -2.75
CA SER A 157 25.24 28.96 -4.10
C SER A 157 25.75 30.25 -4.75
N LYS A 158 24.97 31.31 -4.64
CA LYS A 158 25.39 32.60 -5.17
C LYS A 158 26.65 33.11 -4.45
N GLU A 159 26.66 33.00 -3.13
CA GLU A 159 27.70 33.65 -2.32
C GLU A 159 28.90 32.77 -1.97
N SER A 160 28.96 31.57 -2.55
CA SER A 160 30.09 30.67 -2.34
C SER A 160 30.15 29.69 -3.51
N ASN A 161 31.12 28.81 -3.50
CA ASN A 161 31.24 27.83 -4.57
C ASN A 161 30.38 26.61 -4.37
N TYR A 162 29.54 26.64 -3.34
CA TYR A 162 28.71 25.49 -3.06
C TYR A 162 27.46 25.49 -3.88
N ASP A 163 27.49 24.75 -4.97
CA ASP A 163 26.27 24.43 -5.64
C ASP A 163 25.73 23.24 -4.87
N CYS A 164 24.47 23.35 -4.45
CA CYS A 164 23.87 22.29 -3.68
C CYS A 164 22.45 22.11 -4.16
N LYS A 165 22.22 21.01 -4.87
CA LYS A 165 20.97 20.80 -5.59
C LYS A 165 19.98 20.03 -4.74
N VAL A 166 18.78 20.58 -4.64
CA VAL A 166 17.72 19.99 -3.85
C VAL A 166 16.62 19.57 -4.80
N ILE A 167 16.48 18.26 -4.99
CA ILE A 167 15.52 17.76 -5.96
C ILE A 167 14.33 17.09 -5.25
N SER A 168 13.14 17.29 -5.78
CA SER A 168 11.97 16.59 -5.29
C SER A 168 11.46 15.58 -6.31
N ILE A 169 11.00 14.45 -5.80
CA ILE A 169 10.28 13.48 -6.61
C ILE A 169 8.93 13.20 -5.94
N VAL A 170 7.84 13.40 -6.67
CA VAL A 170 6.53 13.03 -6.15
C VAL A 170 5.80 12.07 -7.12
N GLY A 171 4.69 11.50 -6.66
CA GLY A 171 3.92 10.54 -7.45
C GLY A 171 3.54 11.06 -8.83
N GLY A 172 3.20 12.35 -8.91
CA GLY A 172 2.81 12.93 -10.19
C GLY A 172 3.89 13.03 -11.25
N HIS A 173 5.16 12.84 -10.88
CA HIS A 173 6.27 13.08 -11.81
C HIS A 173 6.48 11.92 -12.77
N SER A 174 6.52 12.24 -14.07
CA SER A 174 6.85 11.25 -15.09
C SER A 174 8.32 10.88 -15.01
N LEU A 175 8.69 9.74 -15.57
CA LEU A 175 10.07 9.31 -15.50
C LEU A 175 10.91 10.28 -16.28
N GLU A 176 10.35 10.84 -17.35
CA GLU A 176 11.02 11.87 -18.11
C GLU A 176 11.40 13.03 -17.18
N GLU A 177 10.41 13.57 -16.46
CA GLU A 177 10.62 14.73 -15.62
C GLU A 177 11.61 14.44 -14.49
N ILE A 178 11.54 13.25 -13.91
CA ILE A 178 12.44 12.90 -12.83
C ILE A 178 13.85 12.85 -13.37
N SER A 179 13.98 12.28 -14.55
CA SER A 179 15.25 12.21 -15.27
C SER A 179 15.85 13.59 -15.55
N PHE A 180 15.04 14.49 -16.07
CA PHE A 180 15.50 15.84 -16.30
C PHE A 180 15.90 16.52 -14.98
N SER A 181 15.07 16.40 -13.95
CA SER A 181 15.38 16.99 -12.64
C SER A 181 16.69 16.45 -12.07
N LEU A 182 16.98 15.19 -12.32
CA LEU A 182 18.19 14.58 -11.77
C LEU A 182 19.42 14.82 -12.63
N SER A 183 19.23 15.44 -13.81
CA SER A 183 20.28 15.47 -14.84
C SER A 183 21.57 16.23 -14.48
N GLU A 184 21.53 17.10 -13.48
CA GLU A 184 22.77 17.74 -13.01
C GLU A 184 23.18 17.24 -11.63
N GLY A 185 22.64 16.10 -11.23
CA GLY A 185 22.95 15.51 -9.96
C GLY A 185 22.07 16.04 -8.84
N CYS A 186 22.22 15.43 -7.67
CA CYS A 186 21.37 15.74 -6.55
C CYS A 186 22.16 15.60 -5.26
N ASP A 187 21.94 16.51 -4.32
CA ASP A 187 22.65 16.45 -3.03
C ASP A 187 21.68 16.13 -1.92
N ILE A 188 20.54 16.79 -1.96
CA ILE A 188 19.47 16.50 -1.05
C ILE A 188 18.27 16.11 -1.90
N LEU A 189 17.74 14.92 -1.65
CA LEU A 189 16.59 14.42 -2.38
C LEU A 189 15.41 14.32 -1.44
N VAL A 190 14.31 14.98 -1.78
CA VAL A 190 13.10 14.97 -0.99
C VAL A 190 12.06 14.22 -1.82
N ALA A 191 11.53 13.12 -1.31
CA ALA A 191 10.68 12.26 -2.15
C ALA A 191 9.49 11.62 -1.44
N THR A 192 8.45 11.29 -2.19
CA THR A 192 7.44 10.39 -1.64
C THR A 192 7.95 8.98 -1.91
N PRO A 193 7.65 8.02 -1.03
CA PRO A 193 8.29 6.69 -1.10
C PRO A 193 7.97 5.82 -2.32
N GLY A 194 6.70 5.69 -2.70
CA GLY A 194 6.35 4.89 -3.87
C GLY A 194 7.14 5.29 -5.12
N ARG A 195 7.14 6.59 -5.38
CA ARG A 195 7.76 7.10 -6.59
C ARG A 195 9.29 7.02 -6.51
N LEU A 196 9.84 7.12 -5.31
CA LEU A 196 11.27 6.89 -5.13
C LEU A 196 11.60 5.47 -5.56
N ILE A 197 10.79 4.52 -5.08
CA ILE A 197 11.00 3.16 -5.50
C ILE A 197 10.91 3.00 -7.01
N ASP A 198 9.94 3.64 -7.65
CA ASP A 198 9.86 3.56 -9.12
C ASP A 198 11.13 4.13 -9.77
N SER A 199 11.67 5.18 -9.18
CA SER A 199 12.85 5.83 -9.74
C SER A 199 14.04 4.91 -9.66
N LEU A 200 14.23 4.28 -8.50
CA LEU A 200 15.35 3.36 -8.32
C LEU A 200 15.21 2.16 -9.26
N GLU A 201 14.01 1.58 -9.27
CA GLU A 201 13.75 0.40 -10.08
C GLU A 201 14.01 0.65 -11.58
N ASN A 202 13.93 1.92 -11.99
CA ASN A 202 14.19 2.31 -13.37
C ASN A 202 15.58 2.89 -13.54
N HIS A 203 16.42 2.74 -12.52
CA HIS A 203 17.82 3.13 -12.62
C HIS A 203 18.03 4.62 -12.88
N LEU A 204 17.11 5.46 -12.44
CA LEU A 204 17.24 6.90 -12.65
C LEU A 204 18.27 7.55 -11.73
N LEU A 205 18.56 6.91 -10.59
CA LEU A 205 19.57 7.37 -9.65
C LEU A 205 20.08 6.19 -8.83
N VAL A 206 21.18 6.41 -8.11
CA VAL A 206 21.61 5.49 -7.08
C VAL A 206 21.77 6.18 -5.73
N LYS A 208 24.50 5.25 -3.07
CA LYS A 208 25.69 4.66 -2.44
C LYS A 208 26.18 5.49 -1.26
N GLN A 209 25.75 6.75 -1.17
CA GLN A 209 26.40 7.73 -0.29
C GLN A 209 25.43 8.48 0.61
N VAL A 210 24.29 7.89 0.93
CA VAL A 210 23.35 8.59 1.79
C VAL A 210 23.84 8.65 3.23
N GLU A 211 24.25 9.83 3.67
CA GLU A 211 24.76 10.01 5.02
C GLU A 211 23.67 10.41 6.02
N THR A 212 22.59 11.01 5.53
CA THR A 212 21.50 11.38 6.40
C THR A 212 20.18 10.96 5.78
N LEU A 213 19.37 10.29 6.57
CA LEU A 213 18.07 9.86 6.09
C LEU A 213 17.02 10.39 7.04
N VAL A 214 16.00 11.05 6.49
CA VAL A 214 14.96 11.63 7.33
C VAL A 214 13.61 11.11 6.93
N LEU A 215 12.90 10.52 7.89
CA LEU A 215 11.52 10.10 7.71
C LEU A 215 10.58 11.11 8.37
N ASP A 216 9.98 12.01 7.59
CA ASP A 216 9.14 13.06 8.16
C ASP A 216 7.65 12.69 8.15
N GLU A 217 6.94 13.05 9.23
CA GLU A 217 5.55 12.64 9.42
C GLU A 217 5.37 11.15 9.18
N ALA A 218 6.18 10.36 9.88
CA ALA A 218 6.21 8.92 9.69
C ALA A 218 4.90 8.23 10.06
N ASP A 219 4.20 8.79 11.05
CA ASP A 219 2.95 8.19 11.47
C ASP A 219 1.97 8.30 10.32
N LYS A 220 1.96 9.43 9.63
CA LYS A 220 1.07 9.61 8.51
C LYS A 220 1.44 8.71 7.33
N ILE A 222 2.68 5.85 7.63
CA ILE A 222 2.17 4.54 7.99
C ILE A 222 0.65 4.47 7.81
N ASP A 223 -0.04 5.53 8.20
CA ASP A 223 -1.48 5.58 8.12
C ASP A 223 -1.98 5.51 6.68
N LEU A 224 -1.25 6.13 5.75
CA LEU A 224 -1.61 6.10 4.35
C LEU A 224 -1.33 4.74 3.73
N GLY A 225 -0.56 3.91 4.44
CA GLY A 225 -0.26 2.56 3.99
C GLY A 225 1.17 2.34 3.48
N PHE A 226 2.07 3.27 3.74
CA PHE A 226 3.41 3.19 3.14
C PHE A 226 4.47 2.43 3.94
N GLU A 227 4.10 1.70 4.98
CA GLU A 227 5.13 1.08 5.82
C GLU A 227 6.11 0.19 5.02
N ASP A 228 5.58 -0.65 4.13
CA ASP A 228 6.44 -1.56 3.38
C ASP A 228 7.36 -0.82 2.38
N GLN A 229 6.88 0.26 1.78
CA GLN A 229 7.71 1.04 0.86
C GLN A 229 8.85 1.70 1.62
N VAL A 230 8.54 2.25 2.78
CA VAL A 230 9.53 2.90 3.61
C VAL A 230 10.59 1.90 4.07
N THR A 231 10.13 0.75 4.56
CA THR A 231 11.02 -0.32 4.97
C THR A 231 11.92 -0.77 3.83
N ASN A 232 11.33 -0.89 2.64
CA ASN A 232 12.05 -1.33 1.46
C ASN A 232 13.13 -0.33 1.13
N ILE A 233 12.81 0.95 1.27
CA ILE A 233 13.79 1.99 1.02
C ILE A 233 14.93 1.97 2.03
N LEU A 234 14.60 1.87 3.33
CA LEU A 234 15.64 1.79 4.36
C LEU A 234 16.58 0.63 4.06
N THR A 235 15.99 -0.52 3.76
CA THR A 235 16.76 -1.68 3.39
C THR A 235 17.68 -1.43 2.19
N LYS A 236 17.14 -0.90 1.09
CA LYS A 236 17.95 -0.59 -0.11
C LYS A 236 19.11 0.38 0.16
N VAL A 237 18.80 1.44 0.89
CA VAL A 237 19.80 2.42 1.29
C VAL A 237 20.93 1.73 2.04
N ASP A 238 20.57 0.91 3.01
CA ASP A 238 21.58 0.25 3.79
C ASP A 238 22.40 -0.78 2.97
N ILE A 239 21.74 -1.45 2.03
CA ILE A 239 22.35 -2.48 1.21
C ILE A 239 23.35 -1.90 0.21
N ASN A 240 23.01 -0.76 -0.38
CA ASN A 240 23.85 -0.19 -1.42
C ASN A 240 24.90 0.81 -0.95
N ALA A 241 24.91 1.08 0.36
CA ALA A 241 25.87 2.01 0.93
C ALA A 241 27.29 1.52 0.70
N ASP A 242 28.19 2.46 0.40
CA ASP A 242 29.61 2.15 0.39
C ASP A 242 30.06 1.81 1.79
N SER A 243 31.21 1.16 1.90
CA SER A 243 31.65 0.62 3.18
C SER A 243 31.87 1.72 4.21
N ALA A 244 32.47 2.83 3.76
CA ALA A 244 32.90 3.90 4.64
C ALA A 244 31.81 4.95 4.89
N VAL A 245 30.55 4.58 4.68
CA VAL A 245 29.46 5.53 4.78
C VAL A 245 28.71 5.33 6.07
N ASN A 246 28.81 6.26 7.02
CA ASN A 246 27.96 6.19 8.21
C ASN A 246 26.62 6.89 7.98
N ARG A 247 25.53 6.12 8.06
CA ARG A 247 24.20 6.67 7.78
C ARG A 247 23.46 7.05 9.06
N GLN A 248 23.14 8.33 9.18
CA GLN A 248 22.44 8.83 10.34
C GLN A 248 20.96 8.98 10.03
N THR A 249 20.11 8.47 10.92
CA THR A 249 18.68 8.43 10.64
C THR A 249 17.90 9.25 11.66
N LEU A 250 17.00 10.08 11.17
CA LEU A 250 16.18 10.96 11.98
C LEU A 250 14.75 10.67 11.60
N PHE A 252 10.62 11.76 12.42
CA PHE A 252 9.68 12.65 13.07
C PHE A 252 8.24 12.18 12.92
N THR A 253 7.49 12.28 14.01
CA THR A 253 6.13 11.79 14.03
C THR A 253 5.29 12.64 14.96
N ALA A 254 3.99 12.69 14.74
CA ALA A 254 3.16 13.46 15.66
C ALA A 254 2.68 12.60 16.83
N THR A 255 2.81 11.28 16.71
CA THR A 255 2.35 10.36 17.74
C THR A 255 3.24 9.13 17.77
N THR A 257 3.55 4.97 18.18
CA THR A 257 2.76 3.76 17.89
C THR A 257 3.69 2.56 17.87
N PRO A 258 3.13 1.37 18.03
CA PRO A 258 3.97 0.17 18.01
C PRO A 258 4.70 -0.01 16.70
N VAL A 259 4.13 0.45 15.58
CA VAL A 259 4.81 0.31 14.29
C VAL A 259 6.05 1.20 14.24
N ILE A 260 5.87 2.45 14.67
CA ILE A 260 6.98 3.39 14.70
C ILE A 260 8.07 2.83 15.61
N GLU A 261 7.65 2.35 16.77
CA GLU A 261 8.56 1.71 17.72
C GLU A 261 9.36 0.60 17.04
N LYS A 262 8.66 -0.22 16.25
CA LYS A 262 9.30 -1.34 15.56
C LYS A 262 10.33 -0.88 14.53
N ILE A 263 10.01 0.20 13.82
CA ILE A 263 10.94 0.73 12.82
C ILE A 263 12.18 1.28 13.51
N ALA A 264 11.96 2.02 14.60
CA ALA A 264 13.06 2.50 15.44
C ALA A 264 13.96 1.35 15.95
N ALA A 265 13.34 0.25 16.37
CA ALA A 265 14.08 -0.92 16.80
C ALA A 265 14.92 -1.51 15.67
N GLY A 266 14.31 -1.68 14.51
CA GLY A 266 14.99 -2.35 13.42
C GLY A 266 16.03 -1.56 12.65
N TYR A 267 15.89 -0.24 12.62
CA TYR A 267 16.65 0.54 11.65
C TYR A 267 17.44 1.70 12.23
N GLN A 269 19.93 3.06 15.58
CA GLN A 269 20.82 2.56 16.60
C GLN A 269 20.90 3.53 17.78
N LYS A 270 20.46 3.07 18.95
CA LYS A 270 20.52 3.85 20.19
C LYS A 270 20.11 5.30 19.95
N PRO A 271 18.89 5.52 19.43
CA PRO A 271 18.56 6.91 19.15
C PRO A 271 18.26 7.73 20.41
N VAL A 272 18.37 9.05 20.27
CA VAL A 272 17.80 9.97 21.23
C VAL A 272 16.30 10.04 20.95
N TYR A 273 15.48 9.98 22.00
CA TYR A 273 14.04 10.08 21.82
C TYR A 273 13.60 11.40 22.43
N ALA A 274 12.78 12.15 21.71
CA ALA A 274 12.25 13.38 22.27
C ALA A 274 10.82 13.65 21.83
N THR A 275 10.11 14.14 22.84
CA THR A 275 8.72 14.53 22.70
C THR A 275 8.62 16.02 23.00
N ILE A 276 7.91 16.74 22.15
CA ILE A 276 7.63 18.14 22.37
C ILE A 276 6.15 18.31 22.65
N GLY A 277 5.82 19.03 23.72
CA GLY A 277 4.43 19.31 24.03
C GLY A 277 3.74 18.08 24.59
N VAL A 278 2.43 18.16 24.80
CA VAL A 278 1.72 16.98 25.26
C VAL A 278 1.54 16.00 24.11
N GLU A 279 2.01 14.79 24.30
CA GLU A 279 1.89 13.82 23.24
C GLU A 279 0.43 13.41 23.18
N THR A 280 -0.04 13.27 21.95
CA THR A 280 -1.40 12.85 21.71
C THR A 280 -1.33 11.52 20.95
N GLY A 281 -2.44 10.79 20.95
CA GLY A 281 -2.50 9.57 20.17
C GLY A 281 -3.19 9.91 18.87
N SER A 282 -3.72 8.90 18.21
CA SER A 282 -4.47 9.10 16.97
C SER A 282 -5.74 9.92 17.20
N GLU A 283 -6.20 10.60 16.16
CA GLU A 283 -7.41 11.38 16.26
C GLU A 283 -8.63 10.46 16.18
N PRO A 284 -9.59 10.65 17.10
CA PRO A 284 -10.88 9.97 17.05
C PRO A 284 -11.46 10.06 15.65
N LEU A 285 -12.06 8.97 15.18
CA LEU A 285 -12.65 8.93 13.85
C LEU A 285 -14.05 9.51 13.88
N ILE A 286 -14.13 10.79 14.23
CA ILE A 286 -15.40 11.50 14.28
C ILE A 286 -15.56 12.31 13.01
N GLN A 287 -16.73 12.19 12.40
CA GLN A 287 -17.07 13.08 11.32
C GLN A 287 -17.79 14.27 11.95
N GLN A 288 -17.32 15.47 11.65
CA GLN A 288 -17.91 16.68 12.19
C GLN A 288 -18.65 17.42 11.09
N VAL A 289 -19.90 17.76 11.39
CA VAL A 289 -20.80 18.37 10.44
C VAL A 289 -21.38 19.62 11.03
N VAL A 290 -21.10 20.75 10.39
CA VAL A 290 -21.63 22.02 10.85
C VAL A 290 -22.64 22.51 9.80
N GLU A 291 -23.87 22.77 10.25
CA GLU A 291 -24.97 23.08 9.32
C GLU A 291 -25.74 24.30 9.79
N TYR A 292 -26.29 25.07 8.86
CA TYR A 292 -26.96 26.31 9.21
C TYR A 292 -28.45 26.10 9.46
N ALA A 293 -29.02 26.90 10.35
CA ALA A 293 -30.46 26.88 10.59
C ALA A 293 -30.99 28.20 11.14
N ASP A 294 -32.05 28.72 10.53
CA ASP A 294 -32.60 30.03 10.87
C ASP A 294 -33.08 30.16 12.33
N ASN A 295 -33.67 29.10 12.86
CA ASN A 295 -34.24 29.13 14.22
C ASN A 295 -34.38 27.71 14.74
N ASP A 296 -34.97 27.57 15.92
CA ASP A 296 -35.02 26.27 16.56
C ASP A 296 -35.93 25.27 15.84
N GLU A 297 -37.08 25.73 15.35
CA GLU A 297 -38.01 24.89 14.60
C GLU A 297 -37.32 24.29 13.40
N ASP A 298 -36.54 25.11 12.73
CA ASP A 298 -35.86 24.69 11.52
C ASP A 298 -34.74 23.71 11.83
N LYS A 299 -34.07 23.93 12.97
CA LYS A 299 -33.06 23.01 13.49
C LYS A 299 -33.69 21.65 13.72
N PHE A 300 -34.86 21.64 14.36
CA PHE A 300 -35.51 20.38 14.65
C PHE A 300 -35.92 19.68 13.35
N LYS A 301 -36.44 20.47 12.42
CA LYS A 301 -36.80 19.95 11.13
C LYS A 301 -35.60 19.29 10.43
N LYS A 302 -34.42 19.90 10.47
CA LYS A 302 -33.26 19.20 9.92
C LYS A 302 -32.84 17.99 10.77
N LEU A 303 -33.20 18.01 12.04
CA LEU A 303 -32.77 16.97 12.98
C LEU A 303 -33.55 15.66 12.85
N LYS A 304 -34.85 15.77 12.54
CA LYS A 304 -35.71 14.59 12.39
C LYS A 304 -35.15 13.49 11.48
N PRO A 305 -34.73 13.84 10.26
CA PRO A 305 -34.19 12.72 9.46
C PRO A 305 -32.86 12.19 9.99
N ILE A 306 -32.14 13.00 10.77
CA ILE A 306 -30.83 12.60 11.28
C ILE A 306 -30.93 11.58 12.43
N VAL A 307 -31.79 11.84 13.41
CA VAL A 307 -31.95 10.88 14.49
C VAL A 307 -32.75 9.65 14.05
N ALA A 308 -33.37 9.72 12.89
CA ALA A 308 -34.08 8.57 12.36
C ALA A 308 -33.10 7.52 11.84
N LYS A 309 -31.87 7.94 11.52
CA LYS A 309 -30.94 7.00 10.90
C LYS A 309 -29.77 6.53 11.78
N TYR A 310 -29.45 7.25 12.85
CA TYR A 310 -28.39 6.82 13.76
C TYR A 310 -28.90 5.93 14.88
N ASP A 311 -28.14 4.90 15.21
CA ASP A 311 -28.49 3.97 16.29
C ASP A 311 -28.36 4.62 17.65
N PRO A 312 -29.30 4.36 18.55
CA PRO A 312 -29.10 4.83 19.94
C PRO A 312 -27.85 4.18 20.49
N PRO A 313 -27.23 4.79 21.52
CA PRO A 313 -27.70 6.02 22.14
C PRO A 313 -27.22 7.27 21.42
N ILE A 314 -28.03 8.32 21.52
CA ILE A 314 -27.75 9.60 20.91
C ILE A 314 -27.84 10.66 22.00
N ILE A 315 -26.90 11.60 22.00
CA ILE A 315 -26.92 12.68 22.98
C ILE A 315 -27.05 14.05 22.33
N ILE A 316 -27.90 14.89 22.92
CA ILE A 316 -28.17 16.21 22.37
C ILE A 316 -27.88 17.29 23.40
N PHE A 317 -27.07 18.28 23.01
CA PHE A 317 -26.69 19.36 23.91
C PHE A 317 -27.39 20.68 23.61
N ILE A 318 -27.85 21.32 24.67
CA ILE A 318 -28.44 22.66 24.58
C ILE A 318 -27.85 23.54 25.69
N ASN A 319 -28.25 24.81 25.71
CA ASN A 319 -27.71 25.73 26.71
C ASN A 319 -28.71 26.14 27.78
N TYR A 320 -29.98 26.20 27.42
CA TYR A 320 -31.03 26.59 28.36
C TYR A 320 -32.02 25.46 28.58
N LYS A 321 -32.43 25.26 29.84
CA LYS A 321 -33.30 24.16 30.24
C LYS A 321 -34.69 24.20 29.57
N GLN A 322 -35.13 25.41 29.30
CA GLN A 322 -36.39 25.63 28.63
C GLN A 322 -36.36 24.94 27.26
N THR A 323 -35.21 25.08 26.59
CA THR A 323 -35.01 24.45 25.29
C THR A 323 -35.03 22.92 25.40
N ALA A 324 -34.54 22.39 26.52
CA ALA A 324 -34.59 20.96 26.77
C ALA A 324 -36.04 20.50 26.85
N ASP A 325 -36.86 21.22 27.62
CA ASP A 325 -38.27 20.84 27.73
C ASP A 325 -39.00 20.89 26.37
N TRP A 326 -38.74 21.97 25.64
CA TRP A 326 -39.29 22.14 24.31
C TRP A 326 -38.92 20.95 23.42
N LEU A 327 -37.62 20.64 23.40
CA LEU A 327 -37.08 19.58 22.56
C LEU A 327 -37.73 18.27 22.91
N ALA A 328 -37.85 18.01 24.20
CA ALA A 328 -38.43 16.74 24.65
C ALA A 328 -39.86 16.62 24.16
N GLU A 329 -40.64 17.68 24.30
CA GLU A 329 -42.02 17.61 23.78
C GLU A 329 -42.04 17.35 22.27
N LYS A 330 -41.22 18.06 21.51
CA LYS A 330 -41.19 17.80 20.07
C LYS A 330 -40.77 16.38 19.70
N PHE A 331 -39.83 15.80 20.45
CA PHE A 331 -39.44 14.42 20.20
C PHE A 331 -40.58 13.46 20.47
N GLN A 332 -41.32 13.74 21.55
CA GLN A 332 -42.44 12.90 21.90
C GLN A 332 -43.52 12.96 20.84
N LYS A 333 -43.76 14.15 20.31
CA LYS A 333 -44.87 14.36 19.38
C LYS A 333 -44.56 14.02 17.94
N GLU A 334 -43.28 14.01 17.56
CA GLU A 334 -42.92 14.01 16.14
C GLU A 334 -42.01 12.88 15.71
N THR A 335 -41.55 12.09 16.68
CA THR A 335 -40.65 10.97 16.40
C THR A 335 -41.08 9.82 17.28
N ASN A 336 -40.50 8.64 17.06
CA ASN A 336 -40.71 7.50 17.93
C ASN A 336 -39.57 7.32 18.92
N LYS A 338 -37.70 7.90 22.38
CA LYS A 338 -37.99 8.32 23.74
C LYS A 338 -36.80 9.05 24.36
N VAL A 339 -37.06 10.07 25.16
CA VAL A 339 -35.96 10.90 25.65
C VAL A 339 -35.86 11.01 27.16
N THR A 340 -34.65 11.23 27.66
CA THR A 340 -34.47 11.68 29.04
C THR A 340 -33.66 12.98 29.09
N ILE A 341 -33.96 13.82 30.07
CA ILE A 341 -33.34 15.14 30.19
C ILE A 341 -32.46 15.25 31.44
N LEU A 342 -31.23 15.75 31.27
CA LEU A 342 -30.46 16.25 32.41
C LEU A 342 -30.27 17.75 32.23
N HIS A 343 -30.82 18.54 33.15
CA HIS A 343 -30.70 20.00 33.03
C HIS A 343 -29.79 20.57 34.12
N GLY A 344 -29.48 19.73 35.10
CA GLY A 344 -28.43 20.03 36.06
C GLY A 344 -28.88 20.05 37.50
N SER A 345 -30.18 20.23 37.71
CA SER A 345 -30.69 20.43 39.06
C SER A 345 -31.63 19.33 39.59
N LYS A 346 -31.40 18.09 39.18
CA LYS A 346 -32.11 16.95 39.76
C LYS A 346 -31.20 16.25 40.77
N SER A 347 -31.77 15.36 41.57
CA SER A 347 -30.98 14.62 42.57
C SER A 347 -30.02 13.65 41.90
N GLN A 348 -28.99 13.23 42.63
CA GLN A 348 -28.07 12.26 42.05
C GLN A 348 -28.79 10.94 41.77
N GLU A 349 -29.81 10.64 42.56
CA GLU A 349 -30.66 9.48 42.33
C GLU A 349 -31.36 9.56 40.97
N GLN A 350 -32.10 10.64 40.76
CA GLN A 350 -32.77 10.87 39.48
C GLN A 350 -31.78 10.87 38.31
N ARG A 351 -30.71 11.62 38.45
CA ARG A 351 -29.71 11.69 37.39
C ARG A 351 -29.16 10.30 37.08
N GLU A 352 -29.06 9.45 38.10
CA GLU A 352 -28.59 8.08 37.90
C GLU A 352 -29.68 7.21 37.26
N HIS A 353 -30.93 7.57 37.50
CA HIS A 353 -32.06 6.88 36.87
C HIS A 353 -32.05 7.15 35.38
N SER A 354 -32.14 8.44 35.02
CA SER A 354 -31.95 8.95 33.67
C SER A 354 -30.76 8.26 32.98
N LEU A 355 -29.62 8.29 33.65
CA LEU A 355 -28.42 7.69 33.08
C LEU A 355 -28.64 6.20 32.84
N GLN A 356 -29.38 5.54 33.72
CA GLN A 356 -29.65 4.10 33.52
C GLN A 356 -30.59 3.81 32.33
N LEU A 357 -31.67 4.58 32.22
CA LEU A 357 -32.54 4.53 31.06
C LEU A 357 -31.71 4.69 29.80
N PHE A 358 -30.77 5.64 29.82
CA PHE A 358 -29.97 5.93 28.64
C PHE A 358 -29.05 4.77 28.30
N ARG A 359 -28.36 4.23 29.30
CA ARG A 359 -27.38 3.17 29.05
C ARG A 359 -28.04 1.87 28.59
N THR A 360 -29.24 1.59 29.12
CA THR A 360 -29.95 0.33 28.80
C THR A 360 -30.99 0.42 27.66
N ASN A 361 -30.90 1.48 26.87
CA ASN A 361 -31.82 1.74 25.76
C ASN A 361 -33.32 1.80 26.09
N LYS A 362 -33.69 1.99 27.35
CA LYS A 362 -35.09 2.24 27.62
C LYS A 362 -35.48 3.59 27.02
N VAL A 363 -34.49 4.48 26.85
CA VAL A 363 -34.64 5.70 26.09
C VAL A 363 -33.48 5.80 25.11
N GLN A 364 -33.66 6.56 24.03
CA GLN A 364 -32.74 6.52 22.89
C GLN A 364 -31.90 7.79 22.87
N ILE A 365 -32.46 8.84 23.45
CA ILE A 365 -31.90 10.16 23.34
C ILE A 365 -31.82 10.81 24.73
N ILE A 367 -31.12 14.40 26.44
CA ILE A 367 -30.97 15.84 26.27
C ILE A 367 -30.26 16.46 27.48
N ALA A 368 -29.12 17.11 27.24
CA ALA A 368 -28.34 17.70 28.33
C ALA A 368 -27.97 19.15 28.10
N THR A 369 -27.97 19.93 29.20
CA THR A 369 -27.46 21.31 29.18
C THR A 369 -25.95 21.30 29.33
N ASN A 370 -25.37 22.50 29.33
CA ASN A 370 -23.93 22.64 29.12
C ASN A 370 -23.02 21.79 30.01
N VAL A 371 -23.36 21.62 31.28
CA VAL A 371 -22.50 20.85 32.17
C VAL A 371 -23.29 19.78 32.93
N ALA A 372 -24.54 19.55 32.53
CA ALA A 372 -25.39 18.55 33.17
C ALA A 372 -24.84 17.13 33.02
N ALA A 373 -24.06 16.88 31.99
CA ALA A 373 -23.59 15.52 31.76
C ALA A 373 -22.14 15.31 32.16
N ARG A 374 -21.48 16.36 32.62
CA ARG A 374 -20.07 16.25 33.02
C ARG A 374 -19.92 15.30 34.20
N GLY A 375 -18.82 14.56 34.20
CA GLY A 375 -18.54 13.68 35.31
C GLY A 375 -19.38 12.42 35.40
N LEU A 376 -20.39 12.29 34.55
CA LEU A 376 -21.22 11.08 34.55
C LEU A 376 -20.70 10.06 33.55
N ASP A 377 -21.11 8.81 33.76
CA ASP A 377 -20.69 7.70 32.91
C ASP A 377 -21.58 7.61 31.67
N ILE A 378 -21.33 8.47 30.70
CA ILE A 378 -22.13 8.47 29.47
C ILE A 378 -21.58 7.39 28.56
N PRO A 379 -22.44 6.47 28.08
CA PRO A 379 -21.94 5.43 27.18
C PRO A 379 -21.45 6.06 25.89
N ASN A 380 -20.58 5.39 25.16
CA ASN A 380 -20.25 5.88 23.84
C ASN A 380 -21.53 6.00 23.00
N VAL A 381 -21.69 7.14 22.34
CA VAL A 381 -22.87 7.37 21.52
C VAL A 381 -22.46 7.33 20.05
N SER A 382 -23.44 7.10 19.17
CA SER A 382 -23.16 7.07 17.74
C SER A 382 -23.20 8.47 17.17
N LEU A 383 -23.94 9.36 17.84
CA LEU A 383 -24.14 10.70 17.36
C LEU A 383 -24.22 11.72 18.50
N VAL A 384 -23.47 12.81 18.34
CA VAL A 384 -23.61 13.96 19.24
C VAL A 384 -24.21 15.12 18.45
N VAL A 385 -25.27 15.72 18.98
CA VAL A 385 -25.85 16.87 18.33
C VAL A 385 -25.70 18.09 19.23
N ASN A 386 -25.03 19.12 18.70
CA ASN A 386 -25.07 20.46 19.30
C ASN A 386 -26.27 21.22 18.77
N PHE A 387 -27.39 21.08 19.44
CA PHE A 387 -28.57 21.86 19.07
C PHE A 387 -28.35 23.39 19.22
N GLN A 388 -27.78 23.82 20.35
CA GLN A 388 -27.31 25.21 20.54
C GLN A 388 -25.84 25.09 20.90
N ILE A 389 -24.92 25.56 20.04
CA ILE A 389 -23.50 25.42 20.37
C ILE A 389 -23.17 26.19 21.64
N SER A 390 -22.14 25.75 22.35
CA SER A 390 -21.71 26.49 23.52
C SER A 390 -21.00 27.74 23.07
N LYS A 391 -20.84 28.69 24.00
CA LYS A 391 -20.16 29.92 23.67
C LYS A 391 -18.67 29.70 23.58
N LYS A 392 -18.19 28.63 24.19
CA LYS A 392 -16.76 28.35 24.26
C LYS A 392 -16.35 27.04 23.54
N ASP A 394 -14.04 25.01 24.35
CA ASP A 394 -13.75 23.95 25.31
C ASP A 394 -14.97 23.04 25.46
N ASP A 395 -16.13 23.64 25.52
CA ASP A 395 -17.34 22.86 25.69
C ASP A 395 -17.63 22.08 24.40
N TYR A 396 -17.37 22.68 23.24
CA TYR A 396 -17.58 21.97 21.98
C TYR A 396 -16.75 20.70 21.96
N ILE A 397 -15.45 20.86 22.27
CA ILE A 397 -14.52 19.74 22.27
C ILE A 397 -14.94 18.65 23.28
N HIS A 398 -15.37 19.11 24.45
CA HIS A 398 -15.88 18.19 25.46
C HIS A 398 -17.11 17.40 24.98
N ARG A 399 -18.04 18.08 24.34
CA ARG A 399 -19.27 17.45 23.86
C ARG A 399 -18.98 16.42 22.80
N ILE A 400 -18.25 16.81 21.76
CA ILE A 400 -17.97 15.84 20.71
C ILE A 400 -17.08 14.70 21.21
N GLY A 401 -16.42 14.89 22.36
CA GLY A 401 -15.77 13.77 23.03
C GLY A 401 -16.66 12.57 23.38
N ARG A 402 -17.98 12.77 23.41
CA ARG A 402 -18.91 11.70 23.78
C ARG A 402 -19.03 10.62 22.71
N THR A 403 -18.58 10.92 21.50
CA THR A 403 -18.67 10.01 20.38
C THR A 403 -17.29 9.58 19.90
N GLY A 404 -17.25 8.60 19.01
CA GLY A 404 -16.00 8.10 18.48
C GLY A 404 -15.00 7.58 19.51
N ARG A 405 -15.49 7.23 20.69
CA ARG A 405 -14.64 6.64 21.73
C ARG A 405 -14.25 5.20 21.41
N ALA A 406 -13.07 4.79 21.88
CA ALA A 406 -12.53 3.45 21.65
C ALA A 406 -12.50 3.01 20.18
N ALA A 407 -11.82 3.79 19.34
CA ALA A 407 -11.60 3.41 17.94
C ALA A 407 -12.86 3.32 17.07
N ASN A 408 -14.02 3.63 17.64
CA ASN A 408 -15.27 3.66 16.86
C ASN A 408 -15.39 4.87 15.93
N GLU A 409 -16.21 4.72 14.88
CA GLU A 409 -16.60 5.85 14.04
C GLU A 409 -17.72 6.65 14.73
N GLY A 410 -17.57 7.96 14.79
CA GLY A 410 -18.53 8.78 15.47
C GLY A 410 -19.00 9.89 14.58
N THR A 411 -20.12 10.50 14.95
CA THR A 411 -20.61 11.65 14.22
C THR A 411 -21.02 12.77 15.17
N ALA A 412 -20.64 13.99 14.82
CA ALA A 412 -21.03 15.17 15.58
C ALA A 412 -21.67 16.17 14.64
N VAL A 413 -22.92 16.51 14.90
CA VAL A 413 -23.62 17.47 14.07
C VAL A 413 -23.97 18.72 14.89
N SER A 414 -23.56 19.87 14.38
CA SER A 414 -23.86 21.14 15.06
C SER A 414 -24.72 22.04 14.17
N PHE A 415 -25.74 22.63 14.75
CA PHE A 415 -26.53 23.64 14.04
C PHE A 415 -26.18 25.02 14.55
N VAL A 416 -25.86 25.93 13.63
CA VAL A 416 -25.65 27.32 14.01
C VAL A 416 -26.67 28.22 13.31
N SER A 417 -27.12 29.25 14.03
CA SER A 417 -28.01 30.26 13.47
C SER A 417 -27.19 31.49 13.14
N ALA A 418 -27.82 32.65 13.02
CA ALA A 418 -27.03 33.85 12.74
C ALA A 418 -26.72 34.63 14.02
N ALA A 419 -27.05 34.04 15.16
CA ALA A 419 -26.90 34.73 16.43
C ALA A 419 -25.63 34.38 17.15
N GLU A 420 -24.70 33.69 16.51
CA GLU A 420 -23.51 33.28 17.24
C GLU A 420 -22.43 34.35 17.16
N ASP A 421 -21.47 34.26 18.07
CA ASP A 421 -20.32 35.13 17.98
C ASP A 421 -19.51 34.73 16.76
N GLU A 422 -19.16 35.71 15.95
CA GLU A 422 -18.36 35.50 14.75
C GLU A 422 -17.00 34.82 15.07
N SER A 423 -16.37 35.22 16.16
CA SER A 423 -15.07 34.66 16.51
C SER A 423 -15.16 33.17 16.87
N LEU A 424 -16.29 32.78 17.47
CA LEU A 424 -16.56 31.38 17.78
C LEU A 424 -16.71 30.57 16.50
N ILE A 425 -17.50 31.06 15.57
CA ILE A 425 -17.64 30.39 14.29
C ILE A 425 -16.31 30.29 13.55
N ARG A 426 -15.48 31.31 13.70
CA ARG A 426 -14.16 31.33 13.07
C ARG A 426 -13.28 30.21 13.65
N GLU A 427 -13.26 30.13 14.99
CA GLU A 427 -12.52 29.08 15.68
C GLU A 427 -13.04 27.72 15.28
N LEU A 428 -14.35 27.60 15.15
CA LEU A 428 -14.99 26.34 14.85
C LEU A 428 -14.61 25.88 13.44
N TYR A 429 -14.59 26.82 12.50
CA TYR A 429 -14.17 26.48 11.15
C TYR A 429 -12.73 26.00 11.17
N LYS A 430 -11.88 26.70 11.93
CA LYS A 430 -10.51 26.24 11.99
C LYS A 430 -10.44 24.80 12.53
N TYR A 431 -11.20 24.53 13.58
CA TYR A 431 -11.13 23.25 14.24
C TYR A 431 -11.65 22.12 13.35
N VAL A 432 -12.70 22.41 12.61
CA VAL A 432 -13.29 21.41 11.73
C VAL A 432 -12.37 21.15 10.55
N ARG A 433 -11.71 22.19 10.02
CA ARG A 433 -10.77 21.93 8.93
C ARG A 433 -9.54 21.18 9.42
N LYS A 434 -9.10 21.46 10.63
CA LYS A 434 -7.85 20.86 11.12
C LYS A 434 -8.02 19.39 11.47
N HIS A 435 -9.08 19.03 12.20
CA HIS A 435 -9.26 17.67 12.70
C HIS A 435 -10.23 16.82 11.86
N ASP A 436 -9.82 16.42 10.66
CA ASP A 436 -10.64 15.66 9.72
C ASP A 436 -10.05 14.28 9.36
N PRO A 437 -9.84 13.39 10.36
CA PRO A 437 -9.22 12.06 10.19
C PRO A 437 -9.73 11.30 8.98
N LEU A 438 -11.01 11.46 8.69
CA LEU A 438 -11.70 10.69 7.66
C LEU A 438 -11.84 11.45 6.36
N ASN A 439 -11.23 12.63 6.27
CA ASN A 439 -11.42 13.54 5.13
C ASN A 439 -12.87 13.64 4.69
N SER A 440 -13.77 13.76 5.66
CA SER A 440 -15.21 13.77 5.37
C SER A 440 -15.96 14.87 6.11
N ASN A 441 -15.26 15.68 6.90
CA ASN A 441 -15.91 16.77 7.62
C ASN A 441 -16.62 17.79 6.73
N ILE A 442 -17.80 18.22 7.18
CA ILE A 442 -18.65 19.13 6.42
C ILE A 442 -18.87 20.46 7.16
N PHE A 443 -18.46 21.55 6.53
CA PHE A 443 -18.79 22.85 7.06
C PHE A 443 -19.61 23.58 6.00
N SER A 444 -20.92 23.69 6.27
CA SER A 444 -21.89 24.18 5.32
C SER A 444 -21.54 25.56 4.72
N GLU A 445 -21.75 25.69 3.41
CA GLU A 445 -21.56 26.95 2.70
C GLU A 445 -22.48 28.05 3.24
N ALA A 446 -23.66 27.65 3.73
CA ALA A 446 -24.58 28.59 4.33
C ALA A 446 -23.92 29.34 5.50
N VAL A 447 -23.22 28.59 6.36
CA VAL A 447 -22.53 29.16 7.53
C VAL A 447 -21.35 30.02 7.12
N LYS A 448 -20.60 29.52 6.13
CA LYS A 448 -19.47 30.26 5.59
C LYS A 448 -19.92 31.63 5.08
N ASN A 449 -21.01 31.66 4.32
CA ASN A 449 -21.51 32.87 3.71
C ASN A 449 -22.11 33.79 4.73
N LYS A 450 -22.83 33.20 5.68
CA LYS A 450 -23.45 34.02 6.70
C LYS A 450 -22.42 34.66 7.63
N TYR A 451 -21.27 34.03 7.79
CA TYR A 451 -20.29 34.59 8.71
C TYR A 451 -19.01 35.08 8.04
N ASN A 452 -18.94 34.96 6.72
CA ASN A 452 -17.74 35.32 5.95
C ASN A 452 -16.50 34.63 6.53
N VAL A 453 -16.60 33.32 6.62
CA VAL A 453 -15.59 32.50 7.22
C VAL A 453 -15.25 31.38 6.22
N GLY A 454 -13.96 31.05 6.10
CA GLY A 454 -13.51 30.01 5.19
C GLY A 454 -13.76 30.33 3.71
N LYS A 455 -13.78 31.61 3.38
CA LYS A 455 -14.05 32.04 2.01
C LYS A 455 -12.80 32.58 1.33
N GLN A 456 -11.67 32.58 2.04
CA GLN A 456 -10.42 32.99 1.42
C GLN A 456 -9.97 31.99 0.34
N LEU A 457 -9.80 32.49 -0.88
CA LEU A 457 -9.35 31.64 -1.97
C LEU A 457 -7.87 31.26 -1.82
N SER A 458 -7.52 30.05 -2.25
CA SER A 458 -6.16 29.53 -2.09
C SER A 458 -5.21 30.00 -3.18
N ASN A 459 -5.76 30.46 -4.30
CA ASN A 459 -5.01 30.71 -5.53
C ASN A 459 -4.13 29.52 -5.98
N GLU A 460 -4.67 28.32 -5.84
CA GLU A 460 -3.97 27.12 -6.29
C GLU A 460 -4.99 26.23 -6.99
N ILE A 461 -4.56 25.59 -8.08
CA ILE A 461 -5.41 24.62 -8.77
C ILE A 461 -5.79 23.48 -7.81
N ILE A 462 -4.79 22.98 -7.09
CA ILE A 462 -5.02 21.78 -6.27
C ILE A 462 -5.30 22.06 -4.79
N TYR A 463 -4.49 22.92 -4.17
CA TYR A 463 -4.70 23.25 -2.77
C TYR A 463 -5.69 24.40 -2.58
N GLY B 10 -25.28 -41.92 -26.22
CA GLY B 10 -25.48 -40.77 -25.35
C GLY B 10 -26.00 -39.54 -26.10
N LYS B 11 -25.75 -38.37 -25.53
CA LYS B 11 -25.85 -37.10 -26.24
C LYS B 11 -24.97 -36.12 -25.48
N HIS B 12 -24.03 -35.49 -26.18
CA HIS B 12 -23.05 -34.61 -25.53
C HIS B 12 -23.68 -33.28 -25.12
N TRP B 13 -23.13 -32.62 -24.10
CA TRP B 13 -23.73 -31.38 -23.63
C TRP B 13 -23.88 -30.31 -24.70
N THR B 14 -22.99 -30.30 -25.70
CA THR B 14 -23.05 -29.28 -26.75
C THR B 14 -24.24 -29.52 -27.67
N GLU B 15 -24.78 -30.73 -27.61
CA GLU B 15 -25.94 -31.10 -28.41
C GLU B 15 -27.24 -30.87 -27.66
N LYS B 16 -27.16 -30.64 -26.35
CA LYS B 16 -28.33 -30.41 -25.52
C LYS B 16 -28.77 -28.95 -25.49
N SER B 17 -30.01 -28.72 -25.06
CA SER B 17 -30.44 -27.40 -24.71
C SER B 17 -30.36 -27.30 -23.20
N LEU B 18 -30.48 -26.10 -22.66
CA LEU B 18 -30.38 -25.85 -21.22
C LEU B 18 -31.28 -26.75 -20.37
N HIS B 19 -32.54 -26.88 -20.73
CA HIS B 19 -33.45 -27.73 -19.98
C HIS B 19 -32.89 -29.14 -19.84
N GLU B 20 -32.40 -29.70 -20.96
CA GLU B 20 -31.91 -31.08 -20.97
C GLU B 20 -30.63 -31.33 -20.16
N ASN B 22 -28.14 -32.21 -17.36
CA ASN B 22 -28.13 -32.76 -16.00
C ASN B 22 -26.84 -32.41 -15.25
N GLU B 23 -26.72 -32.90 -14.02
CA GLU B 23 -25.61 -32.51 -13.17
C GLU B 23 -24.27 -33.07 -13.65
N ARG B 24 -24.31 -34.25 -14.27
CA ARG B 24 -23.13 -34.81 -14.89
C ARG B 24 -22.67 -33.94 -16.06
N ASP B 25 -23.61 -33.43 -16.83
CA ASP B 25 -23.29 -32.53 -17.92
C ASP B 25 -22.58 -31.27 -17.41
N TRP B 26 -23.11 -30.68 -16.34
CA TRP B 26 -22.45 -29.53 -15.73
C TRP B 26 -21.04 -29.85 -15.21
N ARG B 27 -20.86 -31.04 -14.65
CA ARG B 27 -19.56 -31.49 -14.17
C ARG B 27 -18.55 -31.57 -15.33
N ILE B 28 -18.98 -32.23 -16.40
CA ILE B 28 -18.18 -32.34 -17.59
C ILE B 28 -17.84 -30.97 -18.21
N LEU B 29 -18.80 -30.07 -18.31
CA LEU B 29 -18.54 -28.74 -18.85
C LEU B 29 -17.54 -27.98 -17.98
N LYS B 30 -17.73 -28.05 -16.67
CA LYS B 30 -16.80 -27.37 -15.78
C LYS B 30 -15.39 -27.91 -15.99
N GLU B 31 -15.23 -29.23 -16.03
CA GLU B 31 -13.92 -29.79 -16.36
C GLU B 31 -13.38 -29.35 -17.73
N ASP B 32 -14.25 -29.27 -18.72
CA ASP B 32 -13.89 -28.85 -20.06
C ASP B 32 -13.23 -27.48 -20.07
N TYR B 33 -13.71 -26.60 -19.20
CA TYR B 33 -13.06 -25.29 -19.11
C TYR B 33 -12.21 -25.08 -17.85
N ALA B 34 -11.80 -26.18 -17.22
CA ALA B 34 -11.04 -26.14 -15.96
C ALA B 34 -11.58 -25.10 -14.98
N ILE B 35 -12.87 -25.18 -14.69
CA ILE B 35 -13.49 -24.34 -13.68
C ILE B 35 -13.78 -25.20 -12.45
N VAL B 36 -13.28 -24.81 -11.28
CA VAL B 36 -13.60 -25.50 -10.03
C VAL B 36 -14.20 -24.52 -9.02
N THR B 37 -15.35 -24.83 -8.45
CA THR B 37 -15.99 -23.81 -7.60
C THR B 37 -16.34 -24.28 -6.19
N LYS B 38 -16.73 -23.33 -5.35
CA LYS B 38 -17.23 -23.63 -4.01
C LYS B 38 -17.80 -22.35 -3.43
N GLY B 39 -18.34 -22.45 -2.22
CA GLY B 39 -18.92 -21.30 -1.55
C GLY B 39 -20.42 -21.43 -1.38
N GLY B 40 -21.03 -22.42 -2.04
CA GLY B 40 -22.44 -22.69 -1.90
C GLY B 40 -23.33 -21.86 -2.80
N THR B 41 -24.30 -22.51 -3.43
CA THR B 41 -25.27 -21.85 -4.30
C THR B 41 -24.61 -21.15 -5.47
N VAL B 42 -23.65 -21.84 -6.07
CA VAL B 42 -22.91 -21.34 -7.21
C VAL B 42 -23.72 -21.52 -8.50
N GLU B 43 -23.92 -20.43 -9.24
CA GLU B 43 -24.50 -20.52 -10.56
C GLU B 43 -23.58 -21.30 -11.49
N ASN B 44 -24.19 -22.05 -12.40
CA ASN B 44 -23.47 -22.79 -13.42
C ASN B 44 -22.84 -21.83 -14.41
N PRO B 45 -21.75 -22.25 -15.05
CA PRO B 45 -21.09 -21.36 -16.02
C PRO B 45 -21.89 -21.20 -17.32
N LEU B 46 -21.70 -20.09 -18.03
CA LEU B 46 -22.32 -19.90 -19.34
C LEU B 46 -21.91 -21.01 -20.30
N ARG B 47 -22.86 -21.55 -21.06
CA ARG B 47 -22.57 -22.42 -22.20
C ARG B 47 -22.28 -21.58 -23.45
N ASN B 48 -22.86 -20.40 -23.50
CA ASN B 48 -22.64 -19.45 -24.60
C ASN B 48 -23.07 -18.08 -24.11
N TRP B 49 -22.91 -17.06 -24.95
CA TRP B 49 -23.30 -15.72 -24.57
C TRP B 49 -24.82 -15.54 -24.40
N GLU B 50 -25.59 -16.20 -25.27
CA GLU B 50 -26.96 -15.80 -25.58
C GLU B 50 -28.04 -16.34 -24.65
N GLU B 51 -28.02 -17.64 -24.41
CA GLU B 51 -29.22 -18.34 -23.97
C GLU B 51 -29.81 -17.93 -22.63
N LEU B 52 -28.99 -17.50 -21.68
CA LEU B 52 -29.54 -17.08 -20.38
C LEU B 52 -30.12 -15.66 -20.42
N ASN B 53 -29.90 -14.95 -21.51
CA ASN B 53 -30.27 -13.54 -21.58
C ASN B 53 -29.78 -12.63 -20.48
N ILE B 54 -28.60 -12.92 -19.96
CA ILE B 54 -27.99 -12.11 -18.92
C ILE B 54 -27.48 -10.81 -19.54
N ILE B 55 -26.96 -10.93 -20.74
CA ILE B 55 -26.34 -9.83 -21.43
C ILE B 55 -27.32 -9.15 -22.38
N PRO B 56 -27.62 -7.86 -22.13
CA PRO B 56 -28.53 -7.06 -22.96
C PRO B 56 -28.12 -7.01 -24.43
N ARG B 57 -29.11 -6.86 -25.30
CA ARG B 57 -28.89 -7.01 -26.75
C ARG B 57 -27.84 -6.07 -27.35
N ASP B 58 -27.75 -4.82 -26.89
CA ASP B 58 -26.81 -3.85 -27.44
C ASP B 58 -25.37 -4.22 -27.12
N LEU B 59 -25.16 -4.53 -25.86
CA LEU B 59 -23.86 -4.95 -25.38
C LEU B 59 -23.48 -6.26 -26.08
N LEU B 60 -24.44 -7.17 -26.15
CA LEU B 60 -24.24 -8.45 -26.81
C LEU B 60 -23.83 -8.27 -28.27
N ARG B 61 -24.47 -7.32 -28.94
CA ARG B 61 -24.13 -7.01 -30.31
C ARG B 61 -22.72 -6.49 -30.38
N VAL B 62 -22.32 -5.67 -29.42
CA VAL B 62 -20.95 -5.16 -29.40
C VAL B 62 -19.98 -6.30 -29.33
N ILE B 63 -20.27 -7.26 -28.46
CA ILE B 63 -19.37 -8.35 -28.16
C ILE B 63 -19.24 -9.32 -29.34
N ILE B 64 -20.39 -9.72 -29.87
CA ILE B 64 -20.47 -10.71 -30.93
C ILE B 64 -20.22 -10.15 -32.33
N GLN B 65 -20.87 -9.04 -32.66
CA GLN B 65 -20.74 -8.46 -34.00
C GLN B 65 -19.57 -7.48 -34.17
N GLU B 66 -19.35 -6.60 -33.21
CA GLU B 66 -18.31 -5.58 -33.37
C GLU B 66 -16.93 -6.10 -33.05
N LEU B 67 -16.78 -6.73 -31.89
CA LEU B 67 -15.48 -7.25 -31.46
C LEU B 67 -15.25 -8.66 -31.95
N ARG B 68 -16.32 -9.30 -32.42
CA ARG B 68 -16.24 -10.67 -32.91
C ARG B 68 -15.63 -11.65 -31.87
N PHE B 69 -16.29 -11.73 -30.72
CA PHE B 69 -15.96 -12.71 -29.69
C PHE B 69 -17.11 -13.70 -29.66
N PRO B 70 -17.03 -14.75 -30.48
CA PRO B 70 -18.16 -15.68 -30.68
C PRO B 70 -18.61 -16.30 -29.37
N SER B 71 -17.64 -16.63 -28.51
CA SER B 71 -17.96 -17.33 -27.27
C SER B 71 -17.17 -16.75 -26.08
N PRO B 72 -17.67 -16.98 -24.85
CA PRO B 72 -16.94 -16.47 -23.69
C PRO B 72 -15.68 -17.28 -23.39
N THR B 73 -14.72 -16.67 -22.70
CA THR B 73 -13.58 -17.43 -22.18
C THR B 73 -14.05 -18.12 -20.88
N PRO B 74 -13.29 -19.11 -20.38
CA PRO B 74 -13.65 -19.82 -19.14
C PRO B 74 -13.96 -18.92 -17.94
N ILE B 75 -13.06 -17.98 -17.67
CA ILE B 75 -13.26 -17.10 -16.53
C ILE B 75 -14.50 -16.23 -16.75
N GLN B 76 -14.78 -15.87 -17.99
CA GLN B 76 -16.02 -15.12 -18.27
C GLN B 76 -17.23 -16.01 -18.05
N ARG B 77 -17.10 -17.28 -18.46
CA ARG B 77 -18.15 -18.29 -18.32
C ARG B 77 -18.61 -18.41 -16.87
N ILE B 78 -17.66 -18.48 -15.95
CA ILE B 78 -18.04 -18.67 -14.55
C ILE B 78 -18.32 -17.35 -13.83
N THR B 79 -17.61 -16.30 -14.21
CA THR B 79 -17.76 -15.02 -13.54
C THR B 79 -19.09 -14.36 -13.82
N ILE B 80 -19.45 -14.27 -15.09
CA ILE B 80 -20.64 -13.47 -15.44
C ILE B 80 -21.97 -13.90 -14.77
N PRO B 81 -22.33 -15.19 -14.81
CA PRO B 81 -23.63 -15.54 -14.22
C PRO B 81 -23.63 -15.54 -12.68
N ASN B 82 -22.46 -15.61 -12.06
CA ASN B 82 -22.42 -15.54 -10.63
C ASN B 82 -22.38 -14.11 -10.08
N VAL B 83 -21.97 -13.16 -10.91
CA VAL B 83 -21.79 -11.79 -10.47
C VAL B 83 -22.98 -10.94 -10.91
N CYS B 84 -23.72 -11.42 -11.91
CA CYS B 84 -24.88 -10.69 -12.44
C CYS B 84 -26.20 -11.36 -12.09
N ASN B 85 -26.79 -10.87 -11.01
CA ASN B 85 -28.04 -11.34 -10.47
C ASN B 85 -28.55 -10.14 -9.69
N LYS B 87 -30.78 -9.93 -7.91
CA LYS B 87 -31.06 -10.59 -6.63
C LYS B 87 -29.97 -10.37 -5.59
N GLN B 88 -28.74 -10.70 -5.94
CA GLN B 88 -27.69 -10.76 -4.93
C GLN B 88 -26.57 -9.77 -5.13
N TYR B 89 -26.16 -9.55 -6.37
CA TYR B 89 -24.86 -8.95 -6.66
C TYR B 89 -23.85 -9.51 -5.64
N ARG B 90 -23.63 -10.81 -5.74
CA ARG B 90 -22.80 -11.56 -4.80
C ARG B 90 -21.30 -11.27 -4.98
N ASP B 91 -20.53 -11.32 -3.90
CA ASP B 91 -19.09 -11.15 -4.00
C ASP B 91 -18.45 -12.33 -4.73
N PHE B 92 -17.25 -12.11 -5.27
CA PHE B 92 -16.63 -13.14 -6.10
C PHE B 92 -15.13 -13.16 -5.89
N LEU B 93 -14.57 -14.35 -5.70
CA LEU B 93 -13.12 -14.49 -5.65
C LEU B 93 -12.67 -15.51 -6.67
N GLY B 94 -11.87 -15.06 -7.63
CA GLY B 94 -11.40 -15.94 -8.67
C GLY B 94 -9.89 -16.13 -8.66
N VAL B 95 -9.46 -17.39 -8.69
CA VAL B 95 -8.04 -17.72 -8.80
C VAL B 95 -7.73 -18.08 -10.25
N ALA B 96 -7.15 -17.13 -10.97
CA ALA B 96 -6.83 -17.31 -12.38
C ALA B 96 -5.60 -16.50 -12.75
N SER B 97 -4.85 -16.99 -13.71
CA SER B 97 -3.63 -16.32 -14.12
C SER B 97 -3.99 -15.18 -15.07
N THR B 98 -3.06 -14.28 -15.31
CA THR B 98 -3.35 -13.12 -16.15
C THR B 98 -3.79 -13.53 -17.55
N GLY B 99 -4.61 -12.68 -18.18
CA GLY B 99 -5.06 -12.93 -19.54
C GLY B 99 -6.25 -13.86 -19.67
N SER B 100 -6.43 -14.42 -20.87
CA SER B 100 -7.56 -15.28 -21.15
C SER B 100 -8.92 -14.65 -20.79
N GLY B 101 -9.03 -13.35 -21.03
CA GLY B 101 -10.28 -12.64 -20.92
C GLY B 101 -10.71 -12.23 -19.52
N LYS B 102 -9.77 -12.20 -18.58
CA LYS B 102 -10.08 -11.82 -17.19
C LYS B 102 -10.70 -10.41 -17.10
N THR B 103 -10.05 -9.47 -17.80
CA THR B 103 -10.50 -8.09 -17.75
C THR B 103 -11.98 -7.95 -18.13
N LEU B 104 -12.39 -8.49 -19.27
CA LEU B 104 -13.83 -8.42 -19.62
C LEU B 104 -14.71 -9.31 -18.72
N ALA B 105 -14.12 -10.35 -18.12
CA ALA B 105 -14.83 -11.13 -17.10
C ALA B 105 -15.33 -10.23 -15.98
N PHE B 106 -14.59 -9.18 -15.65
CA PHE B 106 -15.21 -8.24 -14.69
C PHE B 106 -15.78 -6.92 -15.27
N VAL B 107 -15.33 -6.50 -16.45
CA VAL B 107 -15.86 -5.29 -17.06
C VAL B 107 -17.26 -5.52 -17.61
N ILE B 108 -17.52 -6.70 -18.16
CA ILE B 108 -18.87 -6.98 -18.65
C ILE B 108 -19.95 -6.89 -17.55
N PRO B 109 -19.71 -7.48 -16.37
CA PRO B 109 -20.70 -7.29 -15.30
C PRO B 109 -20.93 -5.83 -14.90
N ILE B 110 -19.87 -5.02 -14.83
CA ILE B 110 -20.00 -3.59 -14.56
C ILE B 110 -20.90 -2.92 -15.61
N LEU B 111 -20.71 -3.26 -16.88
CA LEU B 111 -21.56 -2.68 -17.92
C LEU B 111 -23.00 -3.13 -17.81
N ILE B 112 -23.21 -4.44 -17.58
CA ILE B 112 -24.56 -4.99 -17.43
C ILE B 112 -25.28 -4.25 -16.33
N LYS B 113 -24.57 -4.09 -15.21
CA LYS B 113 -25.12 -3.44 -14.04
C LYS B 113 -25.49 -1.99 -14.34
N SER B 115 -26.34 -0.84 -17.21
CA SER B 115 -27.41 -0.79 -18.19
C SER B 115 -28.78 -1.16 -17.61
N ARG B 116 -28.78 -1.65 -16.37
CA ARG B 116 -30.00 -1.95 -15.64
C ARG B 116 -30.51 -0.71 -14.90
N SER B 117 -29.89 0.44 -15.13
CA SER B 117 -30.37 1.71 -14.59
C SER B 117 -30.34 2.73 -15.69
N PRO B 118 -31.13 3.79 -15.55
CA PRO B 118 -31.06 4.86 -16.56
C PRO B 118 -29.66 5.45 -16.60
N PRO B 119 -29.25 5.98 -17.75
CA PRO B 119 -27.93 6.60 -17.82
C PRO B 119 -27.87 7.78 -16.85
N ARG B 120 -26.78 7.88 -16.12
CA ARG B 120 -26.55 9.04 -15.27
C ARG B 120 -26.31 10.26 -16.17
N PRO B 121 -27.00 11.38 -15.86
CA PRO B 121 -26.70 12.65 -16.53
C PRO B 121 -25.26 13.04 -16.21
N PRO B 122 -24.58 13.75 -17.14
CA PRO B 122 -23.20 14.21 -16.88
C PRO B 122 -22.99 14.93 -15.54
N SER B 123 -23.89 15.86 -15.22
CA SER B 123 -23.74 16.67 -14.03
C SER B 123 -23.71 15.79 -12.77
N LEU B 124 -24.46 14.69 -12.83
CA LEU B 124 -24.50 13.76 -11.72
C LEU B 124 -23.21 12.95 -11.70
N LYS B 125 -22.65 12.65 -12.86
CA LYS B 125 -21.41 11.88 -12.87
C LYS B 125 -20.34 12.71 -12.15
N ILE B 126 -20.29 14.00 -12.46
CA ILE B 126 -19.37 14.89 -11.79
C ILE B 126 -19.60 14.98 -10.27
N ILE B 127 -20.85 15.12 -9.84
CA ILE B 127 -21.08 15.21 -8.40
C ILE B 127 -20.83 13.89 -7.64
N ASP B 128 -21.09 12.75 -8.26
CA ASP B 128 -21.18 11.48 -7.53
C ASP B 128 -19.98 10.54 -7.68
N GLY B 129 -19.18 10.74 -8.71
CA GLY B 129 -18.00 9.90 -8.89
C GLY B 129 -18.29 8.57 -9.55
N PRO B 130 -17.32 7.65 -9.53
CA PRO B 130 -17.45 6.41 -10.31
C PRO B 130 -18.48 5.44 -9.72
N LYS B 131 -19.04 4.58 -10.57
CA LYS B 131 -19.88 3.47 -10.10
C LYS B 131 -19.03 2.20 -9.91
N ALA B 132 -17.82 2.21 -10.47
CA ALA B 132 -16.93 1.08 -10.38
C ALA B 132 -15.50 1.53 -10.16
N LEU B 133 -14.80 0.82 -9.29
CA LEU B 133 -13.41 1.11 -9.02
C LEU B 133 -12.62 -0.15 -9.24
N ILE B 134 -11.58 -0.06 -10.07
CA ILE B 134 -10.73 -1.21 -10.34
C ILE B 134 -9.32 -0.92 -9.88
N LEU B 135 -8.78 -1.75 -8.99
CA LEU B 135 -7.39 -1.61 -8.57
C LEU B 135 -6.48 -2.66 -9.21
N ALA B 136 -5.29 -2.22 -9.61
CA ALA B 136 -4.31 -3.11 -10.23
C ALA B 136 -2.90 -2.71 -9.81
N PRO B 137 -1.94 -3.63 -9.89
CA PRO B 137 -0.67 -3.32 -9.21
C PRO B 137 0.29 -2.34 -9.88
N THR B 138 0.18 -2.12 -11.20
CA THR B 138 1.13 -1.24 -11.90
C THR B 138 0.46 -0.29 -12.88
N ARG B 139 1.16 0.80 -13.20
CA ARG B 139 0.69 1.74 -14.19
C ARG B 139 0.36 1.00 -15.48
N GLU B 140 1.23 0.08 -15.86
CA GLU B 140 1.08 -0.62 -17.12
C GLU B 140 -0.21 -1.44 -17.12
N LEU B 141 -0.44 -2.21 -16.06
CA LEU B 141 -1.64 -3.01 -15.96
C LEU B 141 -2.88 -2.13 -15.95
N VAL B 142 -2.80 -1.02 -15.23
CA VAL B 142 -3.93 -0.10 -15.17
C VAL B 142 -4.29 0.40 -16.55
N GLN B 143 -3.28 0.81 -17.31
CA GLN B 143 -3.51 1.33 -18.66
C GLN B 143 -4.03 0.26 -19.62
N GLN B 144 -3.52 -0.95 -19.47
CA GLN B 144 -3.99 -2.10 -20.24
C GLN B 144 -5.47 -2.39 -19.97
N ILE B 145 -5.86 -2.34 -18.69
CA ILE B 145 -7.26 -2.52 -18.29
C ILE B 145 -8.14 -1.40 -18.83
N GLN B 146 -7.68 -0.15 -18.74
CA GLN B 146 -8.45 0.95 -19.33
C GLN B 146 -8.65 0.74 -20.83
N LYS B 147 -7.60 0.35 -21.55
CA LYS B 147 -7.74 0.19 -23.01
C LYS B 147 -8.68 -0.97 -23.33
N GLU B 148 -8.55 -2.06 -22.59
CA GLU B 148 -9.37 -3.23 -22.84
C GLU B 148 -10.83 -2.91 -22.54
N THR B 149 -11.06 -2.02 -21.58
CA THR B 149 -12.42 -1.59 -21.25
C THR B 149 -12.98 -0.64 -22.32
N GLN B 150 -12.18 0.31 -22.73
CA GLN B 150 -12.63 1.30 -23.70
C GLN B 150 -12.86 0.65 -25.05
N LYS B 151 -12.23 -0.50 -25.27
CA LYS B 151 -12.45 -1.25 -26.48
C LYS B 151 -13.93 -1.58 -26.63
N VAL B 152 -14.58 -1.91 -25.52
CA VAL B 152 -16.00 -2.22 -25.51
C VAL B 152 -16.86 -0.97 -25.34
N THR B 153 -16.51 -0.16 -24.35
CA THR B 153 -17.26 1.05 -24.00
CA THR B 153 -17.31 1.02 -24.02
C THR B 153 -17.35 2.08 -25.14
N LYS B 154 -16.27 2.23 -25.89
CA LYS B 154 -16.22 3.22 -26.97
C LYS B 154 -17.26 2.89 -28.05
N ILE B 155 -17.37 1.60 -28.37
CA ILE B 155 -18.38 1.10 -29.31
C ILE B 155 -19.79 1.13 -28.71
N TRP B 156 -19.92 0.60 -27.50
CA TRP B 156 -21.17 0.61 -26.75
C TRP B 156 -21.79 2.00 -26.68
N SER B 157 -20.96 3.03 -26.58
CA SER B 157 -21.51 4.38 -26.51
C SER B 157 -22.20 4.79 -27.80
N LYS B 158 -21.68 4.29 -28.91
CA LYS B 158 -22.27 4.61 -30.20
C LYS B 158 -23.46 3.70 -30.51
N GLU B 159 -23.63 2.63 -29.75
CA GLU B 159 -24.67 1.65 -30.05
C GLU B 159 -25.75 1.56 -28.97
N SER B 160 -25.75 2.50 -28.02
CA SER B 160 -26.70 2.46 -26.91
C SER B 160 -26.82 3.83 -26.25
N ASN B 161 -27.60 3.88 -25.17
CA ASN B 161 -27.87 5.10 -24.44
C ASN B 161 -26.76 5.50 -23.48
N TYR B 162 -25.84 4.58 -23.24
CA TYR B 162 -24.83 4.79 -22.21
C TYR B 162 -23.54 5.36 -22.74
N ASP B 163 -23.07 6.43 -22.11
CA ASP B 163 -21.82 7.08 -22.49
C ASP B 163 -20.79 6.91 -21.37
N CYS B 164 -20.20 5.72 -21.32
CA CYS B 164 -19.37 5.31 -20.20
C CYS B 164 -17.99 5.95 -20.26
N LYS B 165 -17.61 6.68 -19.22
CA LYS B 165 -16.30 7.32 -19.13
C LYS B 165 -15.32 6.46 -18.29
N VAL B 166 -14.18 6.13 -18.88
CA VAL B 166 -13.19 5.33 -18.19
C VAL B 166 -11.95 6.19 -17.94
N ILE B 167 -11.69 6.49 -16.67
CA ILE B 167 -10.58 7.35 -16.27
C ILE B 167 -9.57 6.48 -15.54
N SER B 168 -8.28 6.70 -15.79
CA SER B 168 -7.25 6.04 -15.00
C SER B 168 -6.43 7.03 -14.18
N ILE B 169 -5.89 6.54 -13.06
CA ILE B 169 -5.16 7.36 -12.11
C ILE B 169 -3.89 6.59 -11.81
N VAL B 170 -2.75 7.11 -12.27
CA VAL B 170 -1.48 6.38 -12.15
C VAL B 170 -0.30 7.31 -11.85
N GLY B 171 0.82 6.72 -11.44
CA GLY B 171 2.08 7.45 -11.26
C GLY B 171 2.49 8.10 -12.58
N GLY B 172 3.01 9.31 -12.51
CA GLY B 172 3.48 10.00 -13.70
C GLY B 172 2.46 10.97 -14.28
N HIS B 173 1.31 11.06 -13.63
CA HIS B 173 0.33 12.08 -13.96
C HIS B 173 0.13 12.97 -12.75
N SER B 174 0.35 14.26 -12.96
CA SER B 174 0.22 15.25 -11.90
C SER B 174 -1.21 15.25 -11.37
N LEU B 175 -1.35 15.70 -10.12
CA LEU B 175 -2.65 15.85 -9.51
C LEU B 175 -3.50 16.79 -10.37
N GLU B 176 -2.85 17.78 -10.96
CA GLU B 176 -3.55 18.74 -11.80
C GLU B 176 -4.18 18.05 -13.02
N GLU B 177 -3.41 17.20 -13.72
CA GLU B 177 -3.97 16.45 -14.86
C GLU B 177 -5.06 15.49 -14.43
N ILE B 178 -4.91 14.85 -13.28
CA ILE B 178 -5.95 13.93 -12.81
C ILE B 178 -7.26 14.70 -12.63
N SER B 179 -7.14 15.79 -11.90
CA SER B 179 -8.26 16.73 -11.69
C SER B 179 -8.88 17.22 -13.00
N PHE B 180 -8.06 17.55 -13.99
CA PHE B 180 -8.59 17.94 -15.30
C PHE B 180 -9.35 16.81 -15.99
N SER B 181 -8.81 15.59 -15.91
CA SER B 181 -9.40 14.46 -16.59
C SER B 181 -10.73 14.12 -15.96
N LEU B 182 -10.88 14.48 -14.68
CA LEU B 182 -12.16 14.26 -13.99
C LEU B 182 -13.20 15.37 -14.27
N SER B 183 -12.95 16.20 -15.26
CA SER B 183 -13.81 17.36 -15.51
C SER B 183 -15.22 17.00 -16.00
N GLU B 184 -15.34 15.87 -16.70
CA GLU B 184 -16.67 15.45 -17.15
C GLU B 184 -17.14 14.26 -16.35
N GLY B 185 -16.48 14.04 -15.21
CA GLY B 185 -16.89 12.99 -14.31
C GLY B 185 -16.38 11.65 -14.78
N CYS B 186 -16.88 10.61 -14.15
CA CYS B 186 -16.27 9.32 -14.33
C CYS B 186 -17.26 8.23 -13.97
N ASP B 187 -17.30 7.15 -14.76
CA ASP B 187 -18.11 6.00 -14.44
C ASP B 187 -17.29 4.84 -13.94
N ILE B 188 -16.22 4.53 -14.67
CA ILE B 188 -15.28 3.51 -14.23
C ILE B 188 -13.91 4.11 -14.00
N LEU B 189 -13.37 3.91 -12.81
CA LEU B 189 -12.06 4.45 -12.46
C LEU B 189 -11.08 3.31 -12.27
N VAL B 190 -9.93 3.42 -12.91
CA VAL B 190 -8.90 2.38 -12.81
C VAL B 190 -7.66 3.01 -12.21
N ALA B 191 -7.08 2.36 -11.21
CA ALA B 191 -6.01 3.01 -10.47
C ALA B 191 -5.03 2.03 -9.82
N THR B 192 -3.81 2.47 -9.58
CA THR B 192 -2.93 1.78 -8.64
C THR B 192 -3.30 2.26 -7.24
N PRO B 193 -3.10 1.41 -6.22
CA PRO B 193 -3.50 1.83 -4.86
C PRO B 193 -2.83 3.11 -4.41
N GLY B 194 -1.53 3.20 -4.61
CA GLY B 194 -0.75 4.35 -4.21
C GLY B 194 -1.27 5.68 -4.70
N ARG B 195 -1.52 5.74 -6.01
CA ARG B 195 -1.92 6.99 -6.62
C ARG B 195 -3.37 7.31 -6.28
N LEU B 196 -4.20 6.29 -6.13
CA LEU B 196 -5.57 6.51 -5.70
C LEU B 196 -5.56 7.17 -4.32
N ILE B 197 -4.71 6.64 -3.44
CA ILE B 197 -4.53 7.24 -2.13
C ILE B 197 -4.03 8.70 -2.20
N ASP B 198 -2.99 8.95 -3.00
CA ASP B 198 -2.56 10.35 -3.23
C ASP B 198 -3.75 11.22 -3.68
N SER B 199 -4.62 10.66 -4.50
CA SER B 199 -5.74 11.41 -5.03
C SER B 199 -6.80 11.72 -3.98
N LEU B 200 -7.10 10.75 -3.11
CA LEU B 200 -8.07 10.98 -2.04
C LEU B 200 -7.51 11.98 -1.03
N GLU B 201 -6.24 11.79 -0.68
CA GLU B 201 -5.54 12.66 0.26
C GLU B 201 -5.59 14.12 -0.16
N ASN B 202 -5.53 14.38 -1.46
CA ASN B 202 -5.66 15.73 -2.00
C ASN B 202 -7.07 16.07 -2.48
N HIS B 203 -8.05 15.36 -1.96
CA HIS B 203 -9.48 15.59 -2.24
C HIS B 203 -9.89 15.72 -3.70
N LEU B 204 -9.30 14.92 -4.59
CA LEU B 204 -9.60 15.02 -6.01
C LEU B 204 -10.91 14.37 -6.37
N LEU B 205 -11.38 13.46 -5.53
CA LEU B 205 -12.59 12.77 -5.91
C LEU B 205 -13.28 12.06 -4.77
N VAL B 206 -14.56 11.83 -4.96
CA VAL B 206 -15.40 11.18 -3.97
C VAL B 206 -15.81 9.85 -4.55
N LYS B 208 -18.51 7.86 -2.97
CA LYS B 208 -19.66 7.50 -2.19
C LYS B 208 -20.67 6.62 -2.98
N GLN B 209 -20.53 6.53 -4.30
CA GLN B 209 -21.50 5.79 -5.12
C GLN B 209 -20.94 4.57 -5.83
N VAL B 210 -19.83 4.02 -5.34
CA VAL B 210 -19.22 2.86 -5.97
C VAL B 210 -19.97 1.56 -5.65
N GLU B 211 -20.42 0.89 -6.70
CA GLU B 211 -21.22 -0.34 -6.61
C GLU B 211 -20.45 -1.62 -6.92
N THR B 212 -19.32 -1.49 -7.60
CA THR B 212 -18.47 -2.62 -7.88
C THR B 212 -17.03 -2.22 -7.64
N LEU B 213 -16.35 -2.97 -6.78
CA LEU B 213 -14.95 -2.73 -6.53
C LEU B 213 -14.18 -3.97 -6.97
N VAL B 214 -13.13 -3.79 -7.79
CA VAL B 214 -12.39 -4.92 -8.32
C VAL B 214 -10.94 -4.87 -7.89
N LEU B 215 -10.46 -5.97 -7.31
CA LEU B 215 -9.05 -6.13 -6.98
C LEU B 215 -8.40 -7.10 -7.95
N ASP B 216 -7.64 -6.60 -8.90
CA ASP B 216 -7.04 -7.47 -9.94
C ASP B 216 -5.55 -7.75 -9.70
N GLU B 217 -5.16 -9.02 -9.87
CA GLU B 217 -3.83 -9.53 -9.52
C GLU B 217 -3.48 -9.16 -8.08
N ALA B 218 -4.33 -9.58 -7.16
CA ALA B 218 -4.18 -9.19 -5.78
C ALA B 218 -2.90 -9.77 -5.16
N ASP B 219 -2.49 -10.97 -5.58
CA ASP B 219 -1.27 -11.53 -5.02
C ASP B 219 -0.06 -10.69 -5.38
N LYS B 220 -0.04 -10.17 -6.60
CA LYS B 220 1.03 -9.29 -7.04
C LYS B 220 0.99 -7.97 -6.26
N ILE B 222 0.00 -7.66 -3.15
CA ILE B 222 0.54 -7.98 -1.84
C ILE B 222 2.06 -8.10 -1.92
N ASP B 223 2.55 -8.75 -2.97
CA ASP B 223 3.97 -8.97 -3.17
C ASP B 223 4.76 -7.65 -3.23
N LEU B 224 4.15 -6.64 -3.83
CA LEU B 224 4.78 -5.34 -4.04
C LEU B 224 4.66 -4.42 -2.82
N GLY B 225 4.02 -4.91 -1.76
CA GLY B 225 3.87 -4.15 -0.53
C GLY B 225 2.59 -3.31 -0.42
N PHE B 226 1.60 -3.62 -1.24
CA PHE B 226 0.40 -2.78 -1.25
C PHE B 226 -0.71 -3.27 -0.32
N GLU B 227 -0.43 -4.21 0.57
CA GLU B 227 -1.51 -4.74 1.42
C GLU B 227 -2.22 -3.67 2.23
N ASP B 228 -1.46 -2.87 2.95
CA ASP B 228 -2.04 -1.82 3.79
C ASP B 228 -2.74 -0.74 2.97
N GLN B 229 -2.18 -0.38 1.82
CA GLN B 229 -2.85 0.56 0.93
C GLN B 229 -4.21 0.05 0.45
N VAL B 230 -4.22 -1.22 0.06
CA VAL B 230 -5.44 -1.84 -0.44
C VAL B 230 -6.49 -1.88 0.67
N THR B 231 -6.09 -2.32 1.87
CA THR B 231 -7.07 -2.44 2.95
C THR B 231 -7.56 -1.05 3.39
N ASN B 232 -6.67 -0.06 3.37
CA ASN B 232 -7.12 1.32 3.59
C ASN B 232 -8.17 1.76 2.57
N ILE B 233 -7.90 1.53 1.29
CA ILE B 233 -8.88 1.89 0.29
C ILE B 233 -10.22 1.20 0.54
N LEU B 234 -10.17 -0.11 0.82
CA LEU B 234 -11.39 -0.88 1.07
C LEU B 234 -12.20 -0.28 2.22
N THR B 235 -11.50 0.00 3.32
CA THR B 235 -12.12 0.60 4.50
C THR B 235 -12.72 1.97 4.22
N LYS B 236 -11.99 2.78 3.44
CA LYS B 236 -12.41 4.13 3.11
C LYS B 236 -13.66 4.16 2.23
N VAL B 237 -13.71 3.25 1.26
CA VAL B 237 -14.88 3.16 0.38
C VAL B 237 -16.05 2.65 1.18
N ASP B 238 -15.80 1.72 2.10
CA ASP B 238 -16.89 1.25 2.94
C ASP B 238 -17.46 2.35 3.83
N ILE B 239 -16.60 3.09 4.50
CA ILE B 239 -17.05 4.17 5.36
C ILE B 239 -17.75 5.29 4.61
N ASN B 240 -17.17 5.74 3.50
CA ASN B 240 -17.71 6.90 2.79
C ASN B 240 -18.93 6.62 1.92
N ALA B 241 -19.24 5.34 1.72
CA ALA B 241 -20.37 4.94 0.89
C ALA B 241 -21.66 5.60 1.32
N ASP B 242 -22.43 6.05 0.35
CA ASP B 242 -23.82 6.39 0.55
C ASP B 242 -24.53 5.15 1.10
N SER B 243 -25.38 5.32 2.10
CA SER B 243 -25.97 4.14 2.73
C SER B 243 -26.97 3.42 1.83
N ALA B 244 -27.52 4.11 0.84
CA ALA B 244 -28.41 3.48 -0.14
C ALA B 244 -27.67 2.65 -1.19
N VAL B 245 -26.34 2.72 -1.17
CA VAL B 245 -25.53 2.03 -2.15
C VAL B 245 -25.26 0.62 -1.67
N ASN B 246 -25.39 -0.34 -2.57
CA ASN B 246 -25.00 -1.70 -2.27
C ASN B 246 -23.75 -2.03 -3.06
N ARG B 247 -22.68 -2.46 -2.39
CA ARG B 247 -21.40 -2.65 -3.07
C ARG B 247 -20.96 -4.08 -3.21
N GLN B 248 -20.64 -4.46 -4.44
CA GLN B 248 -20.15 -5.79 -4.74
C GLN B 248 -18.61 -5.78 -4.83
N THR B 249 -17.95 -6.78 -4.26
CA THR B 249 -16.49 -6.87 -4.35
C THR B 249 -16.06 -8.09 -5.18
N LEU B 250 -15.12 -7.87 -6.09
CA LEU B 250 -14.58 -8.95 -6.89
C LEU B 250 -13.07 -8.96 -6.72
N PHE B 252 -9.37 -11.02 -7.88
CA PHE B 252 -8.71 -11.97 -8.75
C PHE B 252 -7.26 -12.07 -8.34
N THR B 253 -6.78 -13.32 -8.26
CA THR B 253 -5.39 -13.57 -7.92
C THR B 253 -4.93 -14.83 -8.64
N ALA B 254 -3.63 -14.90 -8.94
CA ALA B 254 -3.07 -16.08 -9.58
C ALA B 254 -2.84 -17.19 -8.56
N THR B 255 -2.65 -16.81 -7.31
CA THR B 255 -2.41 -17.79 -6.25
C THR B 255 -3.20 -17.40 -5.01
N THR B 257 -3.17 -17.11 -0.83
CA THR B 257 -2.26 -16.99 0.29
C THR B 257 -3.04 -16.70 1.54
N PRO B 258 -2.40 -16.88 2.70
CA PRO B 258 -3.01 -16.51 3.98
C PRO B 258 -3.49 -15.07 3.99
N VAL B 259 -2.73 -14.16 3.37
CA VAL B 259 -3.13 -12.76 3.26
C VAL B 259 -4.40 -12.57 2.44
N ILE B 260 -4.45 -13.25 1.30
CA ILE B 260 -5.64 -13.22 0.46
C ILE B 260 -6.87 -13.78 1.19
N GLU B 261 -6.69 -14.86 1.95
CA GLU B 261 -7.80 -15.39 2.76
C GLU B 261 -8.24 -14.34 3.76
N LYS B 262 -7.28 -13.74 4.45
CA LYS B 262 -7.54 -12.69 5.43
C LYS B 262 -8.38 -11.57 4.83
N ILE B 263 -8.03 -11.12 3.64
CA ILE B 263 -8.76 -10.01 3.03
C ILE B 263 -10.16 -10.45 2.61
N ALA B 264 -10.24 -11.63 1.98
CA ALA B 264 -11.52 -12.19 1.59
C ALA B 264 -12.49 -12.27 2.80
N ALA B 265 -12.00 -12.90 3.85
CA ALA B 265 -12.70 -13.02 5.12
C ALA B 265 -13.13 -11.66 5.67
N GLY B 266 -12.22 -10.69 5.65
CA GLY B 266 -12.48 -9.42 6.27
C GLY B 266 -13.38 -8.47 5.50
N TYR B 267 -13.46 -8.63 4.18
CA TYR B 267 -14.10 -7.61 3.36
C TYR B 267 -15.13 -8.11 2.38
N GLN B 269 -18.49 -10.75 1.58
CA GLN B 269 -19.63 -11.38 2.21
C GLN B 269 -20.01 -12.64 1.43
N LYS B 270 -19.83 -13.81 2.05
CA LYS B 270 -20.21 -15.12 1.50
C LYS B 270 -20.01 -15.24 -0.01
N PRO B 271 -18.76 -15.13 -0.46
CA PRO B 271 -18.51 -15.01 -1.89
C PRO B 271 -18.47 -16.36 -2.62
N VAL B 272 -18.69 -16.36 -3.93
CA VAL B 272 -18.39 -17.53 -4.73
C VAL B 272 -16.88 -17.61 -4.82
N TYR B 273 -16.32 -18.81 -4.65
CA TYR B 273 -14.89 -19.02 -4.89
C TYR B 273 -14.72 -19.89 -6.12
N ALA B 274 -13.86 -19.48 -7.05
CA ALA B 274 -13.63 -20.26 -8.25
C ALA B 274 -12.15 -20.27 -8.64
N THR B 275 -11.68 -21.43 -9.10
CA THR B 275 -10.38 -21.59 -9.73
C THR B 275 -10.62 -21.79 -11.23
N ILE B 276 -9.84 -21.10 -12.04
CA ILE B 276 -10.01 -21.20 -13.47
C ILE B 276 -8.64 -21.46 -14.09
N GLY B 277 -8.53 -22.57 -14.80
CA GLY B 277 -7.28 -22.96 -15.40
C GLY B 277 -6.25 -23.31 -14.34
N VAL B 278 -5.00 -23.32 -14.76
CA VAL B 278 -3.91 -23.66 -13.86
C VAL B 278 -3.06 -22.40 -13.68
N GLU B 279 -2.19 -22.39 -12.68
CA GLU B 279 -1.27 -21.27 -12.49
C GLU B 279 -0.21 -21.23 -13.58
N THR B 280 -0.32 -20.29 -14.51
CA THR B 280 0.63 -20.19 -15.63
C THR B 280 1.99 -19.64 -15.18
N GLY B 281 2.96 -19.64 -16.08
CA GLY B 281 4.29 -19.14 -15.74
C GLY B 281 5.40 -19.72 -16.61
N SER B 282 6.61 -19.23 -16.39
CA SER B 282 7.76 -19.59 -17.22
C SER B 282 8.11 -21.08 -17.16
N GLU B 283 8.24 -21.68 -18.35
CA GLU B 283 8.72 -23.04 -18.49
C GLU B 283 10.13 -23.03 -19.08
N PRO B 284 11.14 -23.35 -18.25
CA PRO B 284 12.50 -23.55 -18.77
C PRO B 284 12.49 -24.59 -19.89
N LEU B 285 13.27 -24.34 -20.94
CA LEU B 285 13.27 -25.23 -22.10
C LEU B 285 14.18 -26.44 -21.89
N ILE B 286 13.74 -27.38 -21.06
CA ILE B 286 14.57 -28.49 -20.65
C ILE B 286 13.99 -29.85 -21.04
N GLN B 287 14.81 -30.68 -21.67
CA GLN B 287 14.47 -32.09 -21.80
C GLN B 287 14.90 -32.84 -20.52
N GLN B 288 13.93 -33.30 -19.74
CA GLN B 288 14.26 -34.09 -18.54
C GLN B 288 14.30 -35.55 -18.90
N VAL B 289 15.38 -36.23 -18.51
CA VAL B 289 15.55 -37.63 -18.83
C VAL B 289 15.93 -38.38 -17.57
N VAL B 290 15.05 -39.24 -17.10
CA VAL B 290 15.33 -39.98 -15.89
C VAL B 290 15.64 -41.42 -16.25
N GLU B 291 16.83 -41.89 -15.87
CA GLU B 291 17.30 -43.22 -16.23
C GLU B 291 17.72 -44.03 -15.00
N TYR B 292 17.43 -45.33 -15.02
CA TYR B 292 17.82 -46.22 -13.93
C TYR B 292 19.25 -46.70 -14.08
N ALA B 293 19.97 -46.77 -12.98
CA ALA B 293 21.33 -47.27 -13.00
C ALA B 293 21.64 -47.90 -11.64
N ASP B 294 22.17 -49.12 -11.67
CA ASP B 294 22.38 -49.95 -10.48
C ASP B 294 23.35 -49.38 -9.44
N ASN B 295 24.49 -48.87 -9.93
CA ASN B 295 25.57 -48.36 -9.08
C ASN B 295 26.37 -47.31 -9.85
N ASP B 296 27.42 -46.77 -9.26
CA ASP B 296 28.18 -45.68 -9.89
C ASP B 296 28.90 -46.07 -11.19
N GLU B 297 29.30 -47.33 -11.30
CA GLU B 297 29.96 -47.82 -12.51
C GLU B 297 29.02 -47.79 -13.72
N ASP B 298 27.81 -48.33 -13.51
CA ASP B 298 26.78 -48.32 -14.54
C ASP B 298 26.47 -46.88 -14.94
N LYS B 299 26.29 -46.02 -13.92
CA LYS B 299 26.05 -44.61 -14.14
C LYS B 299 27.10 -44.02 -15.06
N PHE B 300 28.38 -44.19 -14.70
CA PHE B 300 29.45 -43.61 -15.51
C PHE B 300 29.52 -44.17 -16.94
N LYS B 301 29.33 -45.47 -17.09
CA LYS B 301 29.29 -46.09 -18.41
C LYS B 301 28.14 -45.56 -19.30
N LYS B 302 26.99 -45.27 -18.69
CA LYS B 302 25.89 -44.66 -19.44
C LYS B 302 26.13 -43.17 -19.74
N LEU B 303 26.83 -42.50 -18.82
CA LEU B 303 27.09 -41.07 -18.91
C LEU B 303 28.12 -40.72 -19.97
N LYS B 304 29.21 -41.48 -20.00
CA LYS B 304 30.31 -41.24 -20.93
C LYS B 304 29.89 -40.90 -22.38
N PRO B 305 29.03 -41.72 -23.02
CA PRO B 305 28.68 -41.30 -24.39
C PRO B 305 27.77 -40.06 -24.43
N ILE B 306 27.06 -39.76 -23.35
CA ILE B 306 26.21 -38.58 -23.33
C ILE B 306 27.02 -37.27 -23.38
N VAL B 307 28.00 -37.13 -22.50
CA VAL B 307 28.80 -35.90 -22.42
C VAL B 307 29.55 -35.65 -23.72
N ALA B 308 29.84 -36.72 -24.44
CA ALA B 308 30.51 -36.65 -25.72
C ALA B 308 29.74 -35.84 -26.77
N LYS B 309 28.46 -35.60 -26.52
CA LYS B 309 27.56 -35.05 -27.52
C LYS B 309 27.11 -33.63 -27.17
N TYR B 310 27.57 -33.14 -26.02
CA TYR B 310 27.11 -31.86 -25.53
C TYR B 310 28.26 -30.86 -25.44
N ASP B 311 28.00 -29.61 -25.82
CA ASP B 311 29.02 -28.56 -25.73
C ASP B 311 29.25 -28.19 -24.27
N PRO B 312 30.53 -28.08 -23.86
CA PRO B 312 30.80 -27.48 -22.54
C PRO B 312 30.32 -26.03 -22.55
N PRO B 313 29.94 -25.47 -21.39
CA PRO B 313 30.10 -26.05 -20.05
C PRO B 313 29.01 -27.07 -19.67
N ILE B 314 29.43 -28.10 -18.93
CA ILE B 314 28.51 -29.12 -18.45
C ILE B 314 28.66 -29.22 -16.94
N ILE B 315 27.56 -29.38 -16.22
CA ILE B 315 27.64 -29.49 -14.76
C ILE B 315 27.08 -30.83 -14.26
N ILE B 316 27.73 -31.42 -13.27
CA ILE B 316 27.29 -32.69 -12.70
C ILE B 316 27.11 -32.56 -11.21
N PHE B 317 25.94 -32.93 -10.69
CA PHE B 317 25.65 -32.77 -9.28
C PHE B 317 25.81 -34.07 -8.50
N ILE B 318 26.53 -34.00 -7.39
CA ILE B 318 26.64 -35.14 -6.48
C ILE B 318 26.28 -34.77 -5.06
N ASN B 319 26.32 -35.76 -4.18
CA ASN B 319 25.91 -35.55 -2.79
C ASN B 319 27.05 -35.75 -1.80
N TYR B 320 28.02 -36.54 -2.21
CA TYR B 320 29.14 -36.89 -1.36
C TYR B 320 30.43 -36.52 -2.06
N LYS B 321 31.35 -35.96 -1.29
CA LYS B 321 32.60 -35.42 -1.80
C LYS B 321 33.46 -36.55 -2.36
N GLN B 322 33.39 -37.70 -1.70
CA GLN B 322 34.12 -38.88 -2.16
C GLN B 322 33.70 -39.29 -3.56
N THR B 323 32.39 -39.26 -3.82
CA THR B 323 31.88 -39.61 -5.14
C THR B 323 32.35 -38.60 -6.16
N ALA B 324 32.36 -37.33 -5.78
CA ALA B 324 32.89 -36.28 -6.64
C ALA B 324 34.32 -36.60 -7.06
N ASP B 325 35.16 -36.91 -6.07
CA ASP B 325 36.57 -37.21 -6.35
C ASP B 325 36.69 -38.42 -7.27
N TRP B 326 35.92 -39.47 -6.95
CA TRP B 326 35.90 -40.69 -7.75
C TRP B 326 35.54 -40.41 -9.21
N LEU B 327 34.52 -39.59 -9.41
CA LEU B 327 34.01 -39.25 -10.72
C LEU B 327 35.04 -38.43 -11.50
N ALA B 328 35.70 -37.51 -10.81
CA ALA B 328 36.76 -36.73 -11.44
C ALA B 328 37.87 -37.66 -11.91
N GLU B 329 38.21 -38.64 -11.07
CA GLU B 329 39.22 -39.64 -11.43
C GLU B 329 38.82 -40.38 -12.71
N LYS B 330 37.59 -40.90 -12.71
CA LYS B 330 37.04 -41.58 -13.87
C LYS B 330 37.14 -40.72 -15.14
N PHE B 331 36.76 -39.45 -15.04
CA PHE B 331 36.80 -38.57 -16.21
C PHE B 331 38.20 -38.29 -16.70
N GLN B 332 39.10 -38.00 -15.78
CA GLN B 332 40.46 -37.68 -16.11
C GLN B 332 41.18 -38.87 -16.77
N LYS B 333 40.96 -40.07 -16.25
CA LYS B 333 41.66 -41.24 -16.79
C LYS B 333 40.98 -41.97 -17.96
N GLU B 334 39.66 -41.76 -18.13
CA GLU B 334 38.92 -42.52 -19.14
C GLU B 334 38.32 -41.66 -20.26
N THR B 335 38.45 -40.34 -20.16
CA THR B 335 38.14 -39.43 -21.27
C THR B 335 39.12 -38.29 -21.27
N ASN B 336 39.04 -37.44 -22.28
CA ASN B 336 39.86 -36.23 -22.33
C ASN B 336 39.05 -34.98 -21.98
N LYS B 338 38.39 -32.02 -18.97
CA LYS B 338 38.91 -31.39 -17.75
C LYS B 338 37.77 -31.08 -16.79
N VAL B 339 37.89 -31.54 -15.55
CA VAL B 339 36.87 -31.26 -14.54
C VAL B 339 37.40 -30.37 -13.42
N THR B 340 36.50 -30.00 -12.51
CA THR B 340 36.84 -29.26 -11.30
C THR B 340 35.80 -29.60 -10.22
N ILE B 341 36.20 -29.58 -8.96
CA ILE B 341 35.34 -30.04 -7.87
C ILE B 341 34.80 -28.87 -7.05
N LEU B 342 33.82 -29.13 -6.17
CA LEU B 342 33.23 -28.09 -5.33
C LEU B 342 32.51 -28.66 -4.10
N HIS B 343 33.06 -28.42 -2.91
CA HIS B 343 32.41 -28.77 -1.66
C HIS B 343 32.13 -27.53 -0.82
N LYS B 346 33.43 -26.15 1.88
CA LYS B 346 33.90 -27.42 2.43
C LYS B 346 35.10 -27.96 1.64
N SER B 347 35.52 -27.22 0.62
CA SER B 347 36.69 -27.59 -0.18
C SER B 347 37.51 -26.37 -0.48
N GLN B 348 36.84 -25.28 -0.83
CA GLN B 348 37.52 -24.08 -1.24
C GLN B 348 36.75 -22.84 -0.82
N GLU B 349 37.48 -21.80 -0.46
CA GLU B 349 36.90 -20.48 -0.23
C GLU B 349 37.27 -19.63 -1.43
N GLN B 350 38.39 -20.02 -2.05
CA GLN B 350 38.87 -19.41 -3.30
C GLN B 350 38.23 -20.13 -4.48
N ARG B 351 37.23 -20.95 -4.18
CA ARG B 351 36.43 -21.69 -5.16
C ARG B 351 36.06 -20.87 -6.41
N GLU B 352 35.94 -19.56 -6.26
CA GLU B 352 35.66 -18.66 -7.38
C GLU B 352 36.74 -18.71 -8.46
N HIS B 353 37.89 -19.28 -8.10
CA HIS B 353 38.92 -19.61 -9.06
C HIS B 353 38.37 -20.67 -10.02
N SER B 354 37.95 -21.79 -9.44
CA SER B 354 37.32 -22.86 -10.19
C SER B 354 36.16 -22.40 -11.08
N LEU B 355 35.24 -21.64 -10.49
CA LEU B 355 34.13 -21.06 -11.25
C LEU B 355 34.67 -20.27 -12.46
N GLN B 356 35.75 -19.53 -12.22
CA GLN B 356 36.39 -18.74 -13.28
C GLN B 356 36.98 -19.65 -14.37
N LEU B 357 37.54 -20.79 -13.96
CA LEU B 357 38.01 -21.79 -14.92
C LEU B 357 36.86 -22.24 -15.80
N PHE B 358 35.69 -22.39 -15.16
CA PHE B 358 34.53 -22.99 -15.78
C PHE B 358 33.88 -22.00 -16.75
N ARG B 359 33.71 -20.77 -16.27
CA ARG B 359 33.07 -19.70 -17.04
C ARG B 359 33.84 -19.37 -18.32
N THR B 360 35.15 -19.58 -18.29
CA THR B 360 36.02 -19.24 -19.41
C THR B 360 36.39 -20.46 -20.24
N ASN B 361 35.83 -21.61 -19.87
CA ASN B 361 36.04 -22.83 -20.64
C ASN B 361 37.45 -23.42 -20.54
N LYS B 362 38.21 -22.98 -19.56
CA LYS B 362 39.50 -23.62 -19.28
C LYS B 362 39.17 -25.05 -18.90
N VAL B 363 38.04 -25.21 -18.23
CA VAL B 363 37.58 -26.50 -17.74
C VAL B 363 36.16 -26.73 -18.27
N GLN B 364 35.81 -27.99 -18.59
CA GLN B 364 34.56 -28.30 -19.31
C GLN B 364 33.42 -28.83 -18.43
N ILE B 365 33.80 -29.53 -17.37
CA ILE B 365 32.85 -30.16 -16.48
C ILE B 365 33.02 -29.67 -15.06
N ILE B 367 31.86 -30.50 -11.22
CA ILE B 367 31.21 -31.49 -10.36
C ILE B 367 31.01 -30.90 -8.97
N ALA B 368 29.77 -30.58 -8.64
CA ALA B 368 29.50 -29.80 -7.43
C ALA B 368 28.40 -30.38 -6.56
N THR B 369 28.50 -30.13 -5.26
CA THR B 369 27.39 -30.40 -4.32
C THR B 369 26.45 -29.20 -4.31
N ASN B 370 25.25 -29.39 -3.74
CA ASN B 370 24.28 -28.31 -3.63
C ASN B 370 24.82 -27.14 -2.84
N VAL B 371 25.28 -27.44 -1.63
CA VAL B 371 25.82 -26.44 -0.71
C VAL B 371 26.84 -25.56 -1.43
N ALA B 372 27.81 -26.20 -2.07
CA ALA B 372 28.92 -25.50 -2.71
C ALA B 372 28.50 -24.60 -3.88
N ALA B 373 27.37 -24.90 -4.52
CA ALA B 373 27.00 -24.21 -5.76
C ALA B 373 25.88 -23.19 -5.60
N ARG B 374 25.16 -23.24 -4.48
CA ARG B 374 24.10 -22.27 -4.21
C ARG B 374 24.70 -20.87 -4.10
N GLY B 375 24.10 -19.90 -4.80
CA GLY B 375 24.60 -18.54 -4.77
C GLY B 375 25.89 -18.32 -5.52
N LEU B 376 26.14 -19.15 -6.54
CA LEU B 376 27.25 -18.93 -7.45
C LEU B 376 26.66 -18.60 -8.81
N ASP B 377 27.30 -17.71 -9.55
CA ASP B 377 26.85 -17.44 -10.90
C ASP B 377 27.42 -18.49 -11.86
N ILE B 378 26.69 -19.58 -12.02
CA ILE B 378 26.99 -20.60 -13.00
C ILE B 378 26.52 -20.09 -14.36
N PRO B 379 27.32 -20.30 -15.41
CA PRO B 379 26.85 -19.91 -16.74
C PRO B 379 25.78 -20.88 -17.20
N ASN B 380 24.99 -20.51 -18.21
CA ASN B 380 24.00 -21.42 -18.77
C ASN B 380 24.69 -22.66 -19.38
N VAL B 381 24.38 -23.84 -18.86
CA VAL B 381 25.03 -25.07 -19.32
C VAL B 381 24.17 -25.79 -20.36
N SER B 382 24.83 -26.61 -21.17
CA SER B 382 24.13 -27.36 -22.20
C SER B 382 23.48 -28.60 -21.60
N LEU B 383 23.99 -29.03 -20.45
CA LEU B 383 23.64 -30.30 -19.89
C LEU B 383 23.79 -30.28 -18.38
N VAL B 384 22.74 -30.63 -17.65
CA VAL B 384 22.90 -30.93 -16.23
C VAL B 384 22.85 -32.44 -16.04
N VAL B 385 23.78 -32.97 -15.26
CA VAL B 385 23.71 -34.36 -14.84
C VAL B 385 23.50 -34.50 -13.33
N ASN B 386 22.36 -35.03 -12.93
CA ASN B 386 22.15 -35.42 -11.54
C ASN B 386 22.70 -36.82 -11.30
N PHE B 387 24.00 -36.90 -11.03
CA PHE B 387 24.66 -38.18 -10.80
C PHE B 387 24.11 -38.85 -9.53
N GLN B 388 23.89 -38.06 -8.49
CA GLN B 388 23.15 -38.53 -7.34
C GLN B 388 21.94 -37.63 -7.09
N ILE B 389 20.76 -38.24 -6.98
CA ILE B 389 19.52 -37.50 -6.83
C ILE B 389 19.48 -36.79 -5.49
N SER B 390 18.84 -35.62 -5.46
CA SER B 390 18.62 -34.89 -4.22
C SER B 390 17.59 -35.58 -3.32
N LYS B 391 17.55 -35.18 -2.06
CA LYS B 391 16.52 -35.66 -1.16
C LYS B 391 15.21 -34.89 -1.36
N LYS B 392 15.34 -33.63 -1.78
CA LYS B 392 14.20 -32.71 -1.93
C LYS B 392 13.97 -32.27 -3.38
N ASP B 394 12.84 -29.48 -4.32
CA ASP B 394 13.37 -28.13 -4.39
C ASP B 394 14.75 -28.12 -5.04
N ASP B 395 15.62 -28.97 -4.50
CA ASP B 395 16.99 -29.10 -4.99
C ASP B 395 17.03 -29.61 -6.44
N TYR B 396 16.21 -30.60 -6.77
CA TYR B 396 16.17 -31.08 -8.14
C TYR B 396 15.82 -29.93 -9.10
N ILE B 397 14.82 -29.15 -8.73
CA ILE B 397 14.40 -28.04 -9.59
C ILE B 397 15.48 -26.96 -9.73
N HIS B 398 16.12 -26.59 -8.62
N HIS B 398 16.11 -26.57 -8.63
CA HIS B 398 17.18 -25.60 -8.66
CA HIS B 398 17.18 -25.58 -8.68
C HIS B 398 18.35 -26.10 -9.52
C HIS B 398 18.38 -26.09 -9.50
N ARG B 399 18.69 -27.38 -9.36
CA ARG B 399 19.76 -28.02 -10.11
C ARG B 399 19.48 -27.97 -11.60
N ILE B 400 18.38 -28.60 -12.02
CA ILE B 400 18.10 -28.65 -13.45
C ILE B 400 17.90 -27.26 -14.02
N GLY B 401 17.56 -26.29 -13.18
CA GLY B 401 17.40 -24.92 -13.64
C GLY B 401 18.68 -24.30 -14.19
N ARG B 402 19.82 -24.91 -13.87
CA ARG B 402 21.09 -24.43 -14.38
C ARG B 402 21.22 -24.48 -15.91
N THR B 403 20.32 -25.21 -16.56
CA THR B 403 20.27 -25.27 -18.03
C THR B 403 18.91 -24.79 -18.48
N GLY B 404 18.71 -24.65 -19.78
CA GLY B 404 17.43 -24.20 -20.31
C GLY B 404 17.04 -22.74 -20.09
N ARG B 405 18.01 -21.93 -19.63
CA ARG B 405 17.78 -20.51 -19.37
C ARG B 405 17.82 -19.68 -20.65
N ALA B 406 17.26 -18.47 -20.56
CA ALA B 406 17.27 -17.47 -21.64
C ALA B 406 16.88 -17.98 -23.02
N ALA B 407 15.83 -18.81 -23.06
CA ALA B 407 15.24 -19.30 -24.31
C ALA B 407 16.10 -20.30 -25.11
N ASN B 408 17.18 -20.77 -24.51
CA ASN B 408 17.94 -21.87 -25.09
C ASN B 408 17.43 -23.22 -24.59
N GLU B 409 17.57 -24.26 -25.40
CA GLU B 409 17.20 -25.60 -24.96
C GLU B 409 18.34 -26.27 -24.23
N GLY B 410 17.99 -27.12 -23.27
CA GLY B 410 18.99 -27.79 -22.45
C GLY B 410 18.52 -29.19 -22.17
N THR B 411 19.42 -30.02 -21.66
CA THR B 411 19.04 -31.36 -21.24
C THR B 411 19.47 -31.59 -19.78
N ALA B 412 18.60 -32.25 -19.01
CA ALA B 412 18.94 -32.64 -17.67
C ALA B 412 18.73 -34.14 -17.51
N VAL B 413 19.83 -34.88 -17.34
CA VAL B 413 19.79 -36.32 -17.13
C VAL B 413 19.98 -36.67 -15.66
N SER B 414 19.08 -37.47 -15.11
CA SER B 414 19.21 -37.93 -13.72
C SER B 414 19.32 -39.45 -13.62
N PHE B 415 20.32 -39.91 -12.89
CA PHE B 415 20.48 -41.33 -12.60
C PHE B 415 19.83 -41.72 -11.26
N VAL B 416 18.87 -42.62 -11.36
CA VAL B 416 18.11 -43.10 -10.22
C VAL B 416 18.55 -44.53 -9.93
N SER B 417 19.01 -44.76 -8.72
CA SER B 417 19.49 -46.10 -8.36
C SER B 417 18.41 -46.89 -7.64
N ALA B 418 18.79 -48.03 -7.08
CA ALA B 418 17.89 -48.82 -6.26
C ALA B 418 17.75 -48.22 -4.85
N ALA B 419 18.53 -47.20 -4.53
CA ALA B 419 18.52 -46.67 -3.16
C ALA B 419 18.01 -45.23 -3.02
N GLU B 420 16.91 -44.90 -3.67
CA GLU B 420 16.38 -43.54 -3.58
C GLU B 420 15.08 -43.49 -2.79
N ASP B 421 14.76 -42.30 -2.28
CA ASP B 421 13.52 -42.05 -1.58
C ASP B 421 12.33 -42.22 -2.53
N GLU B 422 11.47 -43.20 -2.24
CA GLU B 422 10.28 -43.46 -3.05
C GLU B 422 9.34 -42.25 -3.26
N SER B 423 9.09 -41.48 -2.21
CA SER B 423 8.13 -40.38 -2.31
C SER B 423 8.65 -39.29 -3.26
N LEU B 424 9.96 -39.09 -3.16
CA LEU B 424 10.69 -38.24 -4.08
C LEU B 424 10.52 -38.72 -5.51
N ILE B 425 10.76 -40.00 -5.77
CA ILE B 425 10.62 -40.55 -7.12
C ILE B 425 9.20 -40.36 -7.66
N ARG B 426 8.20 -40.45 -6.78
CA ARG B 426 6.81 -40.17 -7.19
C ARG B 426 6.61 -38.73 -7.63
N GLU B 427 7.07 -37.82 -6.78
CA GLU B 427 7.06 -36.39 -7.10
C GLU B 427 7.76 -36.08 -8.45
N LEU B 428 8.91 -36.72 -8.66
CA LEU B 428 9.71 -36.55 -9.86
C LEU B 428 8.99 -37.09 -11.07
N TYR B 429 8.30 -38.22 -10.93
CA TYR B 429 7.53 -38.71 -12.05
C TYR B 429 6.43 -37.72 -12.44
N LYS B 430 5.65 -37.27 -11.44
CA LYS B 430 4.61 -36.27 -11.73
C LYS B 430 5.21 -35.04 -12.42
N TYR B 431 6.30 -34.53 -11.87
CA TYR B 431 7.00 -33.36 -12.44
C TYR B 431 7.48 -33.55 -13.89
N VAL B 432 8.16 -34.67 -14.16
CA VAL B 432 8.64 -34.95 -15.50
C VAL B 432 7.47 -35.04 -16.49
N ARG B 433 6.34 -35.58 -16.06
CA ARG B 433 5.15 -35.55 -16.92
C ARG B 433 4.57 -34.14 -17.12
N LYS B 434 4.55 -33.34 -16.07
CA LYS B 434 3.82 -32.07 -16.08
C LYS B 434 4.55 -30.96 -16.83
N HIS B 435 5.86 -30.92 -16.65
CA HIS B 435 6.67 -29.86 -17.22
C HIS B 435 7.46 -30.42 -18.40
N ASP B 436 6.79 -30.51 -19.54
CA ASP B 436 7.36 -31.11 -20.72
C ASP B 436 7.23 -30.20 -21.97
N PRO B 437 7.77 -28.98 -21.91
CA PRO B 437 7.58 -28.02 -23.02
C PRO B 437 8.17 -28.47 -24.35
N LEU B 438 9.25 -29.25 -24.34
CA LEU B 438 9.85 -29.74 -25.59
C LEU B 438 9.24 -31.05 -26.07
N ASN B 439 8.16 -31.49 -25.42
CA ASN B 439 7.52 -32.78 -25.74
C ASN B 439 8.49 -33.96 -25.87
N SER B 440 9.53 -33.98 -25.05
CA SER B 440 10.57 -34.98 -25.24
C SER B 440 11.06 -35.60 -23.92
N ASN B 441 10.47 -35.20 -22.81
CA ASN B 441 10.87 -35.76 -21.51
C ASN B 441 10.79 -37.29 -21.50
N ILE B 442 11.80 -37.91 -20.89
CA ILE B 442 11.87 -39.36 -20.76
C ILE B 442 11.84 -39.73 -19.28
N PHE B 443 11.03 -40.71 -18.94
CA PHE B 443 11.05 -41.29 -17.59
C PHE B 443 11.13 -42.80 -17.70
N SER B 444 12.27 -43.35 -17.31
CA SER B 444 12.63 -44.75 -17.56
C SER B 444 11.58 -45.75 -17.09
N GLU B 445 11.23 -46.72 -17.93
CA GLU B 445 10.31 -47.78 -17.54
C GLU B 445 10.88 -48.60 -16.39
N ALA B 446 12.20 -48.82 -16.39
CA ALA B 446 12.86 -49.53 -15.28
C ALA B 446 12.64 -48.83 -13.94
N VAL B 447 12.78 -47.50 -13.92
CA VAL B 447 12.46 -46.73 -12.72
C VAL B 447 10.97 -46.88 -12.38
N LYS B 448 10.11 -46.85 -13.39
CA LYS B 448 8.68 -47.05 -13.17
C LYS B 448 8.41 -48.37 -12.44
N ASN B 449 9.12 -49.42 -12.85
CA ASN B 449 8.96 -50.73 -12.25
C ASN B 449 9.55 -50.85 -10.83
N LYS B 450 10.80 -50.42 -10.66
CA LYS B 450 11.45 -50.47 -9.36
C LYS B 450 10.69 -49.72 -8.27
N TYR B 451 9.97 -48.68 -8.63
CA TYR B 451 9.38 -47.82 -7.61
C TYR B 451 7.88 -47.84 -7.70
N ASN B 452 7.36 -48.74 -8.54
CA ASN B 452 5.93 -48.89 -8.74
C ASN B 452 5.24 -47.54 -8.94
N VAL B 453 5.67 -46.81 -9.96
CA VAL B 453 5.21 -45.46 -10.24
C VAL B 453 4.96 -45.30 -11.73
N GLY B 454 3.89 -44.62 -12.11
CA GLY B 454 3.63 -44.33 -13.50
C GLY B 454 3.21 -45.50 -14.38
N LYS B 455 2.59 -46.50 -13.78
CA LYS B 455 2.09 -47.66 -14.50
C LYS B 455 0.66 -47.38 -14.97
N GLN B 456 -0.15 -46.84 -14.06
CA GLN B 456 -1.57 -46.58 -14.33
C GLN B 456 -1.78 -45.71 -15.57
N LEU B 457 -2.76 -46.10 -16.38
CA LEU B 457 -3.23 -45.31 -17.53
C LEU B 457 -4.10 -44.15 -17.03
N SER B 458 -4.28 -43.13 -17.87
CA SER B 458 -4.94 -41.88 -17.46
C SER B 458 -6.28 -42.03 -16.72
#